data_6ZFV
#
_entry.id   6ZFV
#
loop_
_entity.id
_entity.type
_entity.pdbx_description
1 polymer 'Endothelial transcription factor GATA-2'
2 non-polymer 'ZINC ION'
#
_entity_poly.entity_id   1
_entity_poly.type   'polypeptide(L)'
_entity_poly.pdbx_seq_one_letter_code
;MAHHHHHHSSGLEVLFQGPEGRECVNCGATATPLWRRDGTGHYLCNACGLYHKMNGQNRPLIK
;
_entity_poly.pdbx_strand_id   A
#
loop_
_chem_comp.id
_chem_comp.type
_chem_comp.name
_chem_comp.formula
ZN non-polymer 'ZINC ION' 'Zn 2'
#
# COMPACT_ATOMS: atom_id res chain seq x y z
N MET A 1 -9.16 -0.33 1.69
CA MET A 1 -9.87 -0.62 2.97
C MET A 1 -10.54 -1.98 2.87
N ALA A 2 -10.43 -2.75 3.95
CA ALA A 2 -11.03 -4.08 4.00
C ALA A 2 -11.38 -4.46 5.43
N HIS A 3 -12.48 -5.18 5.60
CA HIS A 3 -12.89 -5.68 6.91
C HIS A 3 -13.65 -6.98 6.73
N HIS A 4 -13.34 -7.96 7.56
CA HIS A 4 -13.91 -9.29 7.40
C HIS A 4 -14.73 -9.68 8.63
N HIS A 5 -14.07 -10.02 9.73
CA HIS A 5 -14.77 -10.48 10.92
C HIS A 5 -14.11 -9.98 12.19
N HIS A 6 -14.03 -8.67 12.32
CA HIS A 6 -13.51 -8.03 13.53
C HIS A 6 -14.29 -6.76 13.81
N HIS A 7 -14.60 -6.53 15.09
CA HIS A 7 -15.30 -5.32 15.48
C HIS A 7 -14.43 -4.10 15.19
N HIS A 8 -13.14 -4.25 15.39
CA HIS A 8 -12.19 -3.22 15.02
C HIS A 8 -11.19 -3.78 14.01
N SER A 9 -11.17 -3.20 12.82
CA SER A 9 -10.26 -3.63 11.77
C SER A 9 -9.41 -2.46 11.31
N SER A 10 -9.10 -1.57 12.22
CA SER A 10 -8.31 -0.42 11.96
C SER A 10 -6.85 -0.74 11.64
N GLY A 11 -6.64 -1.71 10.77
CA GLY A 11 -5.36 -1.88 10.18
C GLY A 11 -5.57 -1.92 8.70
N LEU A 12 -6.81 -1.57 8.34
CA LEU A 12 -7.41 -1.82 7.03
C LEU A 12 -6.84 -0.97 5.92
N GLU A 13 -5.89 -0.13 6.28
CA GLU A 13 -4.94 0.38 5.31
C GLU A 13 -4.38 -0.83 4.57
N VAL A 14 -4.25 -1.92 5.31
CA VAL A 14 -3.73 -3.17 4.78
C VAL A 14 -4.50 -4.32 5.41
N LEU A 15 -5.35 -3.96 6.36
CA LEU A 15 -5.95 -4.86 7.30
C LEU A 15 -4.86 -5.70 7.98
N PHE A 16 -3.72 -5.06 8.26
CA PHE A 16 -2.60 -5.80 8.82
C PHE A 16 -1.65 -4.95 9.67
N GLN A 17 -0.67 -4.28 9.05
CA GLN A 17 0.48 -3.80 9.82
C GLN A 17 0.79 -2.31 9.65
N GLY A 18 -0.18 -1.57 9.17
CA GLY A 18 0.06 -0.18 8.89
C GLY A 18 -0.73 0.74 9.78
N PRO A 19 -0.12 1.86 10.09
CA PRO A 19 -0.73 3.02 10.72
C PRO A 19 -1.10 4.14 9.73
N GLU A 20 -1.21 3.76 8.47
CA GLU A 20 -1.42 4.70 7.35
C GLU A 20 -0.43 5.84 7.37
N GLY A 21 0.61 5.63 8.09
CA GLY A 21 1.60 6.67 8.29
C GLY A 21 3.02 6.18 8.32
N ARG A 22 3.18 4.91 8.03
CA ARG A 22 4.47 4.32 7.79
C ARG A 22 4.25 3.38 6.63
N GLU A 23 3.13 3.64 5.98
CA GLU A 23 2.55 2.77 4.98
C GLU A 23 3.38 2.90 3.70
N CYS A 24 2.98 2.34 2.55
CA CYS A 24 3.81 2.48 1.39
C CYS A 24 3.59 3.87 0.82
N VAL A 25 3.64 3.94 -0.48
CA VAL A 25 3.17 5.08 -1.20
C VAL A 25 1.64 5.22 -1.08
N ASN A 26 0.92 4.10 -1.24
CA ASN A 26 -0.53 4.17 -1.28
C ASN A 26 -1.22 3.27 -0.27
N CYS A 27 -0.54 2.26 0.21
CA CYS A 27 -1.27 1.17 0.80
C CYS A 27 -0.84 0.80 2.22
N GLY A 28 0.38 0.37 2.43
CA GLY A 28 0.74 -0.07 3.76
C GLY A 28 2.01 -0.85 3.80
N ALA A 29 3.04 -0.17 3.43
CA ALA A 29 4.40 -0.68 3.50
C ALA A 29 4.85 -1.01 4.90
N THR A 30 5.36 0.01 5.56
CA THR A 30 5.99 -0.12 6.86
C THR A 30 7.16 -1.11 6.82
N ALA A 31 7.82 -1.18 5.64
CA ALA A 31 8.99 -2.04 5.43
C ALA A 31 9.80 -1.55 4.22
N THR A 32 9.74 -2.27 3.08
CA THR A 32 10.30 -1.78 1.81
C THR A 32 9.53 -2.29 0.57
N PRO A 33 8.20 -2.19 0.57
CA PRO A 33 7.33 -2.65 -0.52
C PRO A 33 7.05 -1.60 -1.63
N LEU A 34 6.03 -0.72 -1.47
CA LEU A 34 5.62 0.26 -2.52
C LEU A 34 5.86 1.63 -1.92
N TRP A 35 6.93 1.69 -1.23
CA TRP A 35 7.19 2.64 -0.20
C TRP A 35 8.13 3.74 -0.67
N ARG A 36 9.30 3.27 -1.00
CA ARG A 36 10.42 4.13 -1.36
C ARG A 36 10.61 4.28 -2.88
N ARG A 37 11.39 3.40 -3.50
CA ARG A 37 11.74 3.57 -4.93
C ARG A 37 11.91 2.21 -5.65
N ASP A 38 11.28 2.10 -6.83
CA ASP A 38 11.29 0.89 -7.66
C ASP A 38 10.45 1.12 -8.92
N GLY A 39 9.22 1.55 -8.71
CA GLY A 39 8.30 1.83 -9.81
C GLY A 39 7.31 2.92 -9.44
N THR A 40 6.53 3.41 -10.41
CA THR A 40 5.50 4.46 -10.19
C THR A 40 6.08 5.74 -9.59
N GLY A 41 7.39 5.93 -9.74
CA GLY A 41 8.04 7.08 -9.13
C GLY A 41 8.27 6.86 -7.66
N HIS A 42 7.77 5.73 -7.18
CA HIS A 42 7.94 5.31 -5.81
C HIS A 42 8.46 3.89 -5.83
N TYR A 43 7.93 2.99 -5.01
CA TYR A 43 8.49 1.63 -4.93
C TYR A 43 7.56 0.61 -5.62
N LEU A 44 7.55 -0.65 -5.17
CA LEU A 44 6.65 -1.65 -5.76
C LEU A 44 6.32 -2.77 -4.79
N CYS A 45 5.27 -2.58 -4.03
CA CYS A 45 4.65 -3.68 -3.33
C CYS A 45 3.57 -4.18 -4.25
N ASN A 46 3.44 -5.48 -4.35
CA ASN A 46 2.46 -6.06 -5.26
C ASN A 46 1.09 -5.57 -4.91
N ALA A 47 0.84 -5.32 -3.65
CA ALA A 47 -0.46 -4.89 -3.20
C ALA A 47 -0.90 -3.61 -3.84
N CYS A 48 -0.10 -2.59 -3.64
CA CYS A 48 -0.32 -1.32 -4.28
C CYS A 48 -0.24 -1.53 -5.78
N GLY A 49 0.70 -2.38 -6.16
CA GLY A 49 0.91 -2.76 -7.54
C GLY A 49 -0.30 -3.49 -8.11
N LEU A 50 -1.05 -4.07 -7.19
CA LEU A 50 -2.27 -4.81 -7.46
C LEU A 50 -3.37 -3.80 -7.45
N TYR A 51 -3.20 -2.84 -6.59
CA TYR A 51 -4.08 -1.71 -6.59
C TYR A 51 -3.93 -0.97 -7.90
N HIS A 52 -2.83 -1.20 -8.56
CA HIS A 52 -2.56 -0.62 -9.86
C HIS A 52 -3.26 -1.38 -10.96
N LYS A 53 -3.44 -2.63 -10.66
CA LYS A 53 -3.93 -3.61 -11.59
C LYS A 53 -5.40 -3.45 -11.91
N MET A 54 -6.21 -3.84 -10.96
CA MET A 54 -7.64 -3.89 -11.14
C MET A 54 -8.26 -2.64 -10.58
N ASN A 55 -7.50 -1.99 -9.70
CA ASN A 55 -7.97 -0.79 -9.07
C ASN A 55 -7.44 0.44 -9.78
N GLY A 56 -6.29 0.27 -10.43
CA GLY A 56 -5.64 1.38 -11.14
C GLY A 56 -5.25 2.52 -10.20
N GLN A 57 -5.10 2.17 -8.93
CA GLN A 57 -4.75 3.11 -7.86
C GLN A 57 -3.45 3.83 -8.17
N ASN A 58 -2.42 3.04 -8.22
CA ASN A 58 -1.09 3.50 -8.53
C ASN A 58 -0.68 2.98 -9.89
N ARG A 59 0.50 3.34 -10.39
CA ARG A 59 0.88 2.92 -11.74
C ARG A 59 2.36 2.53 -11.87
N PRO A 60 2.85 1.54 -11.09
CA PRO A 60 4.18 1.01 -11.25
C PRO A 60 4.23 -0.23 -12.15
N LEU A 61 4.25 -1.44 -11.57
CA LEU A 61 4.24 -2.68 -12.36
C LEU A 61 4.11 -3.92 -11.48
N ILE A 62 3.56 -3.73 -10.27
CA ILE A 62 3.44 -4.77 -9.21
C ILE A 62 4.75 -5.53 -8.92
N LYS A 63 4.88 -6.01 -7.69
CA LYS A 63 5.96 -6.90 -7.33
C LYS A 63 5.77 -7.42 -5.92
ZN ZN B . 1.58 -1.19 -0.78
N MET A 1 -9.79 4.39 13.56
CA MET A 1 -10.06 2.94 13.55
C MET A 1 -11.41 2.63 12.92
N ALA A 2 -11.39 2.24 11.65
CA ALA A 2 -12.58 1.80 10.95
C ALA A 2 -12.80 0.32 11.23
N HIS A 3 -13.89 0.01 11.92
CA HIS A 3 -14.18 -1.35 12.37
C HIS A 3 -13.22 -1.75 13.50
N HIS A 4 -13.56 -2.82 14.20
CA HIS A 4 -12.73 -3.30 15.31
C HIS A 4 -11.99 -4.56 14.88
N HIS A 5 -11.98 -4.81 13.58
CA HIS A 5 -11.27 -5.93 13.01
C HIS A 5 -10.50 -5.47 11.78
N HIS A 6 -9.22 -5.82 11.71
CA HIS A 6 -8.41 -5.49 10.56
C HIS A 6 -8.59 -6.53 9.46
N HIS A 7 -9.53 -6.26 8.58
CA HIS A 7 -9.82 -7.14 7.46
C HIS A 7 -9.54 -6.41 6.15
N HIS A 8 -8.87 -7.10 5.24
CA HIS A 8 -8.51 -6.56 3.92
C HIS A 8 -9.73 -5.94 3.23
N SER A 9 -9.86 -4.61 3.31
CA SER A 9 -11.01 -3.91 2.74
C SER A 9 -10.72 -2.43 2.53
N SER A 10 -9.49 -2.01 2.82
CA SER A 10 -9.09 -0.61 2.77
C SER A 10 -10.09 0.30 3.51
N GLY A 11 -10.24 0.05 4.80
CA GLY A 11 -11.01 0.93 5.64
C GLY A 11 -10.10 1.91 6.31
N LEU A 12 -8.86 1.48 6.41
CA LEU A 12 -7.85 2.27 7.04
C LEU A 12 -6.70 2.49 6.08
N GLU A 13 -5.73 1.61 6.19
CA GLU A 13 -4.65 1.47 5.23
C GLU A 13 -5.17 0.62 4.08
N VAL A 14 -4.87 -0.67 4.17
CA VAL A 14 -5.55 -1.70 3.42
C VAL A 14 -6.52 -2.37 4.40
N LEU A 15 -6.77 -1.63 5.47
CA LEU A 15 -7.49 -2.07 6.64
C LEU A 15 -6.75 -3.22 7.34
N PHE A 16 -5.43 -3.21 7.28
CA PHE A 16 -4.65 -4.34 7.77
C PHE A 16 -3.18 -3.98 8.01
N GLN A 17 -2.45 -3.82 6.93
CA GLN A 17 -0.99 -3.71 6.98
C GLN A 17 -0.51 -2.27 7.15
N GLY A 18 -0.26 -1.92 8.40
CA GLY A 18 0.31 -0.63 8.75
C GLY A 18 -0.73 0.42 8.92
N PRO A 19 -0.71 1.09 10.06
CA PRO A 19 -1.74 2.01 10.52
C PRO A 19 -1.79 3.34 9.77
N GLU A 20 -1.65 3.24 8.45
CA GLU A 20 -1.51 4.36 7.55
C GLU A 20 -0.84 5.50 8.16
N GLY A 21 0.39 5.24 8.31
CA GLY A 21 1.30 6.16 8.86
C GLY A 21 2.70 5.70 8.65
N ARG A 22 3.15 5.92 7.42
CA ARG A 22 4.42 5.44 6.89
C ARG A 22 4.09 4.23 6.05
N GLU A 23 2.82 4.17 5.69
CA GLU A 23 2.29 3.24 4.72
C GLU A 23 3.06 3.40 3.42
N CYS A 24 2.81 2.61 2.38
CA CYS A 24 3.64 2.70 1.22
C CYS A 24 3.29 4.02 0.53
N VAL A 25 3.73 4.18 -0.67
CA VAL A 25 3.30 5.26 -1.51
C VAL A 25 1.77 5.40 -1.47
N ASN A 26 1.04 4.27 -1.51
CA ASN A 26 -0.40 4.32 -1.54
C ASN A 26 -1.08 3.53 -0.43
N CYS A 27 -0.44 2.47 0.03
CA CYS A 27 -1.23 1.41 0.63
C CYS A 27 -0.87 1.08 2.08
N GLY A 28 0.32 0.58 2.35
CA GLY A 28 0.60 0.21 3.73
C GLY A 28 1.94 -0.44 3.95
N ALA A 29 2.94 0.26 3.52
CA ALA A 29 4.33 -0.12 3.71
C ALA A 29 4.74 -0.24 5.16
N THR A 30 5.38 0.83 5.62
CA THR A 30 6.07 0.86 6.89
C THR A 30 7.14 -0.28 6.95
N ALA A 31 7.48 -0.85 5.77
CA ALA A 31 8.37 -2.01 5.69
C ALA A 31 8.88 -2.26 4.25
N THR A 32 9.28 -1.18 3.58
CA THR A 32 9.86 -1.18 2.22
C THR A 32 9.22 -2.12 1.17
N PRO A 33 7.90 -1.98 0.93
CA PRO A 33 7.20 -2.63 -0.19
C PRO A 33 6.95 -1.72 -1.42
N LEU A 34 6.00 -0.75 -1.33
CA LEU A 34 5.63 0.16 -2.46
C LEU A 34 5.88 1.55 -1.94
N TRP A 35 6.97 1.64 -1.25
CA TRP A 35 7.27 2.69 -0.35
C TRP A 35 8.28 3.65 -0.94
N ARG A 36 9.46 3.13 -1.15
CA ARG A 36 10.55 3.92 -1.67
C ARG A 36 11.42 3.18 -2.71
N ARG A 37 11.41 3.72 -3.94
CA ARG A 37 12.35 3.32 -5.01
C ARG A 37 12.09 1.94 -5.63
N ASP A 38 11.40 1.94 -6.79
CA ASP A 38 11.25 0.75 -7.64
C ASP A 38 10.41 1.09 -8.87
N GLY A 39 9.19 1.56 -8.63
CA GLY A 39 8.27 1.90 -9.71
C GLY A 39 7.26 2.95 -9.27
N THR A 40 6.41 3.40 -10.21
CA THR A 40 5.36 4.41 -9.96
C THR A 40 5.91 5.71 -9.38
N GLY A 41 7.22 5.89 -9.46
CA GLY A 41 7.84 7.06 -8.84
C GLY A 41 8.28 6.75 -7.42
N HIS A 42 7.72 5.70 -6.85
CA HIS A 42 8.11 5.22 -5.54
C HIS A 42 8.64 3.80 -5.65
N TYR A 43 8.01 2.86 -4.99
CA TYR A 43 8.54 1.47 -4.90
C TYR A 43 7.61 0.49 -5.64
N LEU A 44 7.55 -0.78 -5.20
CA LEU A 44 6.64 -1.75 -5.79
C LEU A 44 6.28 -2.87 -4.83
N CYS A 45 5.29 -2.63 -4.00
CA CYS A 45 4.62 -3.70 -3.30
C CYS A 45 3.52 -4.16 -4.22
N ASN A 46 3.50 -5.46 -4.51
CA ASN A 46 2.54 -6.00 -5.46
C ASN A 46 1.16 -5.60 -5.08
N ALA A 47 0.92 -5.45 -3.81
CA ALA A 47 -0.39 -5.07 -3.33
C ALA A 47 -0.85 -3.77 -3.91
N CYS A 48 -0.06 -2.73 -3.67
CA CYS A 48 -0.30 -1.45 -4.27
C CYS A 48 -0.29 -1.61 -5.78
N GLY A 49 0.65 -2.43 -6.23
CA GLY A 49 0.82 -2.71 -7.63
C GLY A 49 -0.40 -3.42 -8.21
N LEU A 50 -1.06 -4.16 -7.34
CA LEU A 50 -2.28 -4.90 -7.61
C LEU A 50 -3.38 -3.92 -7.53
N TYR A 51 -3.20 -3.02 -6.61
CA TYR A 51 -4.10 -1.94 -6.46
C TYR A 51 -3.99 -1.02 -7.64
N HIS A 52 -3.00 -1.29 -8.44
CA HIS A 52 -2.81 -0.60 -9.71
C HIS A 52 -3.40 -1.40 -10.85
N LYS A 53 -3.34 -2.67 -10.65
CA LYS A 53 -3.75 -3.66 -11.63
C LYS A 53 -5.18 -3.47 -12.08
N MET A 54 -6.07 -3.78 -11.18
CA MET A 54 -7.48 -3.76 -11.47
C MET A 54 -8.15 -2.65 -10.67
N ASN A 55 -7.42 -2.10 -9.70
CA ASN A 55 -7.98 -1.07 -8.87
C ASN A 55 -7.46 0.29 -9.35
N GLY A 56 -6.32 0.21 -10.04
CA GLY A 56 -5.73 1.35 -10.72
C GLY A 56 -5.46 2.57 -9.84
N GLN A 57 -5.09 2.36 -8.58
CA GLN A 57 -4.73 3.50 -7.71
C GLN A 57 -3.34 4.03 -8.07
N ASN A 58 -2.37 3.17 -7.94
CA ASN A 58 -0.99 3.46 -8.22
C ASN A 58 -0.70 3.14 -9.69
N ARG A 59 0.54 3.36 -10.14
CA ARG A 59 0.89 3.03 -11.51
C ARG A 59 2.37 2.64 -11.66
N PRO A 60 2.82 1.55 -10.98
CA PRO A 60 4.16 1.03 -11.16
C PRO A 60 4.19 -0.17 -12.14
N LEU A 61 4.30 -1.41 -11.65
CA LEU A 61 4.33 -2.57 -12.55
C LEU A 61 4.18 -3.91 -11.80
N ILE A 62 3.63 -3.84 -10.58
CA ILE A 62 3.44 -4.98 -9.67
C ILE A 62 4.72 -5.79 -9.40
N LYS A 63 4.89 -6.22 -8.15
CA LYS A 63 6.01 -7.06 -7.76
C LYS A 63 5.91 -7.49 -6.31
ZN ZN B . 1.60 -1.13 -0.75
N MET A 1 -13.77 4.13 4.44
CA MET A 1 -13.89 5.43 5.13
C MET A 1 -14.00 5.23 6.63
N ALA A 2 -12.97 4.64 7.24
CA ALA A 2 -12.97 4.39 8.67
C ALA A 2 -12.48 5.61 9.42
N HIS A 3 -13.23 6.02 10.43
CA HIS A 3 -12.87 7.18 11.24
C HIS A 3 -13.05 6.88 12.72
N HIS A 4 -11.94 6.64 13.40
CA HIS A 4 -11.95 6.37 14.83
C HIS A 4 -10.96 7.27 15.54
N HIS A 5 -11.47 8.35 16.14
CA HIS A 5 -10.62 9.34 16.79
C HIS A 5 -10.02 8.78 18.07
N HIS A 6 -10.74 7.88 18.72
CA HIS A 6 -10.26 7.26 19.96
C HIS A 6 -9.05 6.39 19.67
N HIS A 7 -9.28 5.25 19.04
CA HIS A 7 -8.21 4.39 18.58
C HIS A 7 -8.57 3.81 17.22
N HIS A 8 -7.85 4.23 16.19
CA HIS A 8 -8.12 3.76 14.84
C HIS A 8 -7.14 2.67 14.43
N SER A 9 -6.01 2.61 15.15
CA SER A 9 -4.96 1.64 14.84
C SER A 9 -4.53 1.82 13.38
N SER A 10 -4.40 0.72 12.65
CA SER A 10 -4.26 0.79 11.25
C SER A 10 -5.51 1.37 10.61
N GLY A 11 -6.54 0.53 10.60
CA GLY A 11 -7.90 0.93 10.25
C GLY A 11 -8.03 1.86 9.06
N LEU A 12 -7.07 1.81 8.16
CA LEU A 12 -7.03 2.74 7.02
C LEU A 12 -6.26 2.15 5.86
N GLU A 13 -4.95 2.33 5.96
CA GLU A 13 -3.97 1.89 4.98
C GLU A 13 -4.38 0.60 4.30
N VAL A 14 -4.40 -0.45 5.09
CA VAL A 14 -4.82 -1.75 4.64
C VAL A 14 -5.79 -2.31 5.67
N LEU A 15 -6.16 -1.43 6.59
CA LEU A 15 -6.96 -1.80 7.73
C LEU A 15 -6.32 -2.98 8.47
N PHE A 16 -4.98 -3.02 8.49
CA PHE A 16 -4.30 -4.19 9.02
C PHE A 16 -2.90 -3.89 9.59
N GLN A 17 -1.95 -3.48 8.75
CA GLN A 17 -0.55 -3.43 9.16
C GLN A 17 0.10 -2.08 8.99
N GLY A 18 -0.43 -1.07 9.61
CA GLY A 18 0.15 0.25 9.45
C GLY A 18 -0.39 1.29 10.39
N PRO A 19 0.24 2.46 10.41
CA PRO A 19 -0.21 3.61 11.13
C PRO A 19 -0.92 4.58 10.22
N GLU A 20 -1.19 4.03 9.03
CA GLU A 20 -1.84 4.70 7.90
C GLU A 20 -1.08 5.91 7.42
N GLY A 21 0.05 6.05 8.03
CA GLY A 21 0.93 7.16 7.73
C GLY A 21 2.39 6.79 7.66
N ARG A 22 2.63 5.50 7.55
CA ARG A 22 3.97 5.00 7.26
C ARG A 22 3.78 3.91 6.23
N GLU A 23 2.62 4.00 5.60
CA GLU A 23 2.15 3.06 4.63
C GLU A 23 3.01 3.20 3.39
N CYS A 24 2.76 2.47 2.31
CA CYS A 24 3.65 2.58 1.19
C CYS A 24 3.37 3.92 0.51
N VAL A 25 3.70 4.00 -0.76
CA VAL A 25 3.26 5.10 -1.58
C VAL A 25 1.75 5.28 -1.46
N ASN A 26 1.00 4.17 -1.46
CA ASN A 26 -0.44 4.27 -1.45
C ASN A 26 -1.10 3.45 -0.38
N CYS A 27 -0.48 2.37 0.04
CA CYS A 27 -1.26 1.31 0.63
C CYS A 27 -0.86 0.95 2.04
N GLY A 28 0.31 0.37 2.26
CA GLY A 28 0.62 -0.05 3.60
C GLY A 28 1.96 -0.71 3.75
N ALA A 29 2.96 0.06 3.41
CA ALA A 29 4.35 -0.34 3.56
C ALA A 29 4.80 -0.58 4.99
N THR A 30 5.39 0.46 5.57
CA THR A 30 6.16 0.36 6.80
C THR A 30 7.23 -0.77 6.73
N ALA A 31 7.60 -1.21 5.51
CA ALA A 31 8.50 -2.35 5.35
C ALA A 31 9.07 -2.48 3.92
N THR A 32 9.48 -1.36 3.35
CA THR A 32 10.04 -1.25 1.98
C THR A 32 9.37 -2.14 0.89
N PRO A 33 8.04 -2.04 0.72
CA PRO A 33 7.31 -2.67 -0.37
C PRO A 33 7.03 -1.72 -1.58
N LEU A 34 6.06 -0.78 -1.45
CA LEU A 34 5.66 0.14 -2.55
C LEU A 34 5.89 1.53 -2.00
N TRP A 35 6.93 1.59 -1.25
CA TRP A 35 7.18 2.63 -0.31
C TRP A 35 8.08 3.68 -0.90
N ARG A 36 9.30 3.26 -1.18
CA ARG A 36 10.26 4.14 -1.80
C ARG A 36 11.33 3.40 -2.62
N ARG A 37 11.42 3.78 -3.92
CA ARG A 37 12.49 3.37 -4.84
C ARG A 37 12.21 2.04 -5.56
N ASP A 38 11.49 2.13 -6.68
CA ASP A 38 11.31 1.02 -7.64
C ASP A 38 10.50 1.49 -8.84
N GLY A 39 9.19 1.64 -8.65
CA GLY A 39 8.30 2.02 -9.74
C GLY A 39 7.25 3.01 -9.29
N THR A 40 6.38 3.45 -10.22
CA THR A 40 5.31 4.45 -9.95
C THR A 40 5.85 5.73 -9.30
N GLY A 41 7.14 6.00 -9.46
CA GLY A 41 7.74 7.15 -8.83
C GLY A 41 8.13 6.86 -7.39
N HIS A 42 7.67 5.72 -6.90
CA HIS A 42 8.00 5.26 -5.56
C HIS A 42 8.61 3.88 -5.63
N TYR A 43 7.97 2.89 -5.05
CA TYR A 43 8.55 1.52 -4.96
C TYR A 43 7.64 0.50 -5.69
N LEU A 44 7.58 -0.75 -5.19
CA LEU A 44 6.69 -1.76 -5.77
C LEU A 44 6.34 -2.86 -4.78
N CYS A 45 5.29 -2.64 -4.02
CA CYS A 45 4.64 -3.71 -3.31
C CYS A 45 3.57 -4.22 -4.22
N ASN A 46 3.48 -5.52 -4.37
CA ASN A 46 2.50 -6.09 -5.27
C ASN A 46 1.15 -5.60 -4.93
N ALA A 47 0.85 -5.44 -3.67
CA ALA A 47 -0.45 -4.99 -3.24
C ALA A 47 -0.87 -3.73 -3.92
N CYS A 48 -0.08 -2.68 -3.70
CA CYS A 48 -0.30 -1.42 -4.37
C CYS A 48 -0.21 -1.64 -5.87
N GLY A 49 0.75 -2.47 -6.25
CA GLY A 49 1.00 -2.81 -7.63
C GLY A 49 -0.17 -3.52 -8.27
N LEU A 50 -0.93 -4.18 -7.42
CA LEU A 50 -2.11 -4.94 -7.74
C LEU A 50 -3.25 -3.99 -7.64
N TYR A 51 -3.08 -3.06 -6.73
CA TYR A 51 -4.00 -1.98 -6.66
C TYR A 51 -3.89 -1.12 -7.88
N HIS A 52 -2.79 -1.25 -8.59
CA HIS A 52 -2.59 -0.58 -9.85
C HIS A 52 -3.37 -1.25 -10.97
N LYS A 53 -3.37 -2.53 -10.85
CA LYS A 53 -3.99 -3.45 -11.79
C LYS A 53 -5.46 -3.22 -11.98
N MET A 54 -6.21 -3.66 -11.00
CA MET A 54 -7.66 -3.70 -11.09
C MET A 54 -8.21 -2.44 -10.48
N ASN A 55 -7.50 -1.95 -9.49
CA ASN A 55 -7.95 -0.79 -8.74
C ASN A 55 -7.46 0.50 -9.39
N GLY A 56 -6.36 0.38 -10.13
CA GLY A 56 -5.73 1.54 -10.77
C GLY A 56 -5.31 2.60 -9.76
N GLN A 57 -5.01 2.13 -8.56
CA GLN A 57 -4.67 2.96 -7.42
C GLN A 57 -3.34 3.68 -7.64
N ASN A 58 -2.47 3.02 -8.35
CA ASN A 58 -1.13 3.50 -8.59
C ASN A 58 -0.66 3.06 -9.97
N ARG A 59 0.54 3.45 -10.39
CA ARG A 59 0.97 3.17 -11.75
C ARG A 59 2.41 2.60 -11.84
N PRO A 60 2.75 1.55 -11.08
CA PRO A 60 4.00 0.83 -11.25
C PRO A 60 3.77 -0.48 -12.02
N LEU A 61 4.28 -1.62 -11.54
CA LEU A 61 4.28 -2.85 -12.34
C LEU A 61 4.24 -4.10 -11.46
N ILE A 62 3.68 -3.93 -10.25
CA ILE A 62 3.52 -5.00 -9.23
C ILE A 62 4.83 -5.73 -8.88
N LYS A 63 4.87 -6.28 -7.67
CA LYS A 63 5.98 -7.14 -7.25
C LYS A 63 5.67 -7.80 -5.92
ZN ZN B . 1.53 -1.17 -0.84
N MET A 1 -9.13 10.03 15.02
CA MET A 1 -9.95 10.21 13.80
C MET A 1 -10.26 8.87 13.16
N ALA A 2 -11.50 8.70 12.72
CA ALA A 2 -11.93 7.52 11.97
C ALA A 2 -11.78 6.22 12.77
N HIS A 3 -11.63 6.33 14.07
CA HIS A 3 -11.53 5.16 14.93
C HIS A 3 -12.90 4.76 15.43
N HIS A 4 -13.46 3.70 14.87
CA HIS A 4 -14.84 3.35 15.16
C HIS A 4 -15.01 1.88 15.52
N HIS A 5 -13.97 1.06 15.33
CA HIS A 5 -14.08 -0.37 15.66
C HIS A 5 -12.73 -1.06 15.68
N HIS A 6 -11.82 -0.67 14.79
CA HIS A 6 -10.48 -1.26 14.73
C HIS A 6 -10.54 -2.73 14.29
N HIS A 7 -10.59 -2.94 12.99
CA HIS A 7 -10.57 -4.30 12.43
C HIS A 7 -9.15 -4.86 12.57
N HIS A 8 -8.26 -4.42 11.70
CA HIS A 8 -6.83 -4.68 11.88
C HIS A 8 -6.22 -3.45 12.51
N SER A 9 -6.48 -2.31 11.90
CA SER A 9 -6.04 -1.04 12.43
C SER A 9 -7.15 -0.01 12.21
N SER A 10 -7.50 0.19 10.94
CA SER A 10 -8.51 1.15 10.54
C SER A 10 -8.26 2.49 11.21
N GLY A 11 -7.22 3.16 10.76
CA GLY A 11 -6.85 4.43 11.31
C GLY A 11 -6.17 5.27 10.28
N LEU A 12 -6.89 5.46 9.19
CA LEU A 12 -6.49 6.22 8.01
C LEU A 12 -5.04 6.13 7.61
N GLU A 13 -4.55 4.93 7.74
CA GLU A 13 -3.38 4.49 7.03
C GLU A 13 -3.88 4.17 5.64
N VAL A 14 -5.10 3.63 5.67
CA VAL A 14 -5.84 3.19 4.53
C VAL A 14 -7.32 3.21 4.91
N LEU A 15 -7.54 3.04 6.21
CA LEU A 15 -8.84 2.88 6.81
C LEU A 15 -9.49 1.55 6.37
N PHE A 16 -8.77 0.81 5.52
CA PHE A 16 -9.24 -0.47 5.02
C PHE A 16 -8.33 -1.62 5.47
N GLN A 17 -7.26 -1.85 4.70
CA GLN A 17 -6.40 -3.01 4.90
C GLN A 17 -5.01 -2.61 5.36
N GLY A 18 -4.90 -1.42 5.88
CA GLY A 18 -3.60 -0.85 6.11
C GLY A 18 -2.85 -1.43 7.29
N PRO A 19 -1.58 -1.06 7.41
CA PRO A 19 -0.69 -1.57 8.42
C PRO A 19 -0.79 -0.85 9.73
N GLU A 20 -0.10 0.22 9.76
CA GLU A 20 0.07 1.02 10.95
C GLU A 20 0.18 2.50 10.60
N GLY A 21 0.01 2.77 9.35
CA GLY A 21 0.03 4.13 8.84
C GLY A 21 1.42 4.64 8.48
N ARG A 22 2.36 3.72 8.40
CA ARG A 22 3.64 4.00 7.78
C ARG A 22 3.63 3.22 6.48
N GLU A 23 2.42 3.18 5.93
CA GLU A 23 2.08 2.42 4.76
C GLU A 23 2.91 2.85 3.56
N CYS A 24 2.73 2.21 2.41
CA CYS A 24 3.66 2.39 1.33
C CYS A 24 3.46 3.78 0.71
N VAL A 25 3.77 3.89 -0.55
CA VAL A 25 3.36 5.04 -1.33
C VAL A 25 1.85 5.22 -1.21
N ASN A 26 1.10 4.13 -1.34
CA ASN A 26 -0.34 4.22 -1.29
C ASN A 26 -1.01 3.33 -0.27
N CYS A 27 -0.38 2.22 0.11
CA CYS A 27 -1.20 1.16 0.61
C CYS A 27 -0.78 0.60 1.95
N GLY A 28 0.45 0.20 2.13
CA GLY A 28 0.66 -0.64 3.27
C GLY A 28 2.06 -1.14 3.48
N ALA A 29 3.00 -0.26 3.36
CA ALA A 29 4.40 -0.61 3.52
C ALA A 29 4.80 -0.92 4.95
N THR A 30 5.42 0.06 5.59
CA THR A 30 6.13 -0.11 6.85
C THR A 30 7.23 -1.21 6.76
N ALA A 31 7.51 -1.73 5.55
CA ALA A 31 8.41 -2.88 5.39
C ALA A 31 8.99 -2.98 3.97
N THR A 32 9.43 -1.82 3.45
CA THR A 32 10.05 -1.67 2.12
C THR A 32 9.32 -2.33 0.90
N PRO A 33 7.99 -2.15 0.80
CA PRO A 33 7.16 -2.43 -0.37
C PRO A 33 6.46 -1.18 -0.94
N LEU A 34 6.63 -0.89 -2.25
CA LEU A 34 5.90 0.22 -2.93
C LEU A 34 5.92 1.48 -2.07
N TRP A 35 7.01 1.62 -1.39
CA TRP A 35 7.23 2.54 -0.32
C TRP A 35 8.20 3.62 -0.74
N ARG A 36 9.43 3.16 -0.97
CA ARG A 36 10.54 4.04 -1.28
C ARG A 36 10.75 4.21 -2.79
N ARG A 37 11.58 3.36 -3.41
CA ARG A 37 11.96 3.56 -4.82
C ARG A 37 12.01 2.26 -5.64
N ASP A 38 11.36 2.30 -6.80
CA ASP A 38 11.29 1.19 -7.76
C ASP A 38 10.47 1.61 -8.98
N GLY A 39 9.17 1.79 -8.76
CA GLY A 39 8.24 2.14 -9.83
C GLY A 39 7.17 3.11 -9.34
N THR A 40 6.28 3.52 -10.25
CA THR A 40 5.16 4.45 -9.97
C THR A 40 5.62 5.80 -9.38
N GLY A 41 6.91 6.07 -9.40
CA GLY A 41 7.42 7.27 -8.77
C GLY A 41 7.88 6.99 -7.37
N HIS A 42 7.49 5.84 -6.85
CA HIS A 42 7.96 5.35 -5.58
C HIS A 42 8.53 3.96 -5.77
N TYR A 43 8.01 2.98 -5.07
CA TYR A 43 8.61 1.63 -5.04
C TYR A 43 7.68 0.60 -5.73
N LEU A 44 7.73 -0.67 -5.29
CA LEU A 44 6.78 -1.67 -5.74
C LEU A 44 6.45 -2.63 -4.61
N CYS A 45 5.18 -2.77 -4.40
CA CYS A 45 4.61 -3.80 -3.56
C CYS A 45 3.47 -4.29 -4.39
N ASN A 46 3.26 -5.59 -4.42
CA ASN A 46 2.26 -6.13 -5.29
C ASN A 46 0.92 -5.60 -4.93
N ALA A 47 0.72 -5.27 -3.68
CA ALA A 47 -0.55 -4.78 -3.22
C ALA A 47 -0.95 -3.50 -3.87
N CYS A 48 -0.10 -2.50 -3.70
CA CYS A 48 -0.30 -1.24 -4.36
C CYS A 48 -0.25 -1.48 -5.86
N GLY A 49 0.71 -2.33 -6.22
CA GLY A 49 0.87 -2.77 -7.58
C GLY A 49 -0.40 -3.45 -8.12
N LEU A 50 -1.14 -4.02 -7.20
CA LEU A 50 -2.41 -4.72 -7.44
C LEU A 50 -3.47 -3.67 -7.43
N TYR A 51 -3.23 -2.71 -6.60
CA TYR A 51 -4.05 -1.55 -6.59
C TYR A 51 -3.87 -0.78 -7.86
N HIS A 52 -2.88 -1.19 -8.62
CA HIS A 52 -2.66 -0.67 -9.95
C HIS A 52 -3.30 -1.56 -10.99
N LYS A 53 -3.36 -2.79 -10.61
CA LYS A 53 -3.88 -3.86 -11.44
C LYS A 53 -5.34 -3.66 -11.79
N MET A 54 -6.16 -3.85 -10.78
CA MET A 54 -7.60 -3.81 -10.94
C MET A 54 -8.13 -2.50 -10.43
N ASN A 55 -7.38 -1.89 -9.52
CA ASN A 55 -7.84 -0.65 -8.92
C ASN A 55 -7.30 0.53 -9.67
N GLY A 56 -6.17 0.31 -10.30
CA GLY A 56 -5.52 1.33 -11.12
C GLY A 56 -5.21 2.63 -10.38
N GLN A 57 -5.07 2.56 -9.06
CA GLN A 57 -4.76 3.77 -8.26
C GLN A 57 -3.36 4.28 -8.58
N ASN A 58 -2.41 3.40 -8.39
CA ASN A 58 -1.02 3.65 -8.63
C ASN A 58 -0.63 3.05 -9.97
N ARG A 59 0.59 3.28 -10.44
CA ARG A 59 0.97 2.77 -11.76
C ARG A 59 2.46 2.40 -11.85
N PRO A 60 2.92 1.39 -11.09
CA PRO A 60 4.24 0.84 -11.23
C PRO A 60 4.26 -0.45 -12.09
N LEU A 61 4.45 -1.65 -11.48
CA LEU A 61 4.45 -2.88 -12.27
C LEU A 61 4.33 -4.15 -11.38
N ILE A 62 3.71 -3.99 -10.21
CA ILE A 62 3.48 -5.07 -9.24
C ILE A 62 4.76 -5.81 -8.80
N LYS A 63 4.80 -6.22 -7.52
CA LYS A 63 5.92 -6.98 -6.97
C LYS A 63 5.66 -7.38 -5.52
ZN ZN B . 1.58 -1.24 -0.93
N MET A 1 -10.53 -7.47 12.88
CA MET A 1 -11.52 -7.08 11.85
C MET A 1 -10.95 -7.27 10.45
N ALA A 2 -9.64 -7.09 10.32
CA ALA A 2 -9.00 -7.17 9.01
C ALA A 2 -8.39 -8.55 8.77
N HIS A 3 -8.47 -8.99 7.53
CA HIS A 3 -7.86 -10.24 7.10
C HIS A 3 -7.49 -10.12 5.63
N HIS A 4 -6.50 -10.90 5.21
CA HIS A 4 -6.02 -10.85 3.84
C HIS A 4 -7.03 -11.46 2.88
N HIS A 5 -7.51 -10.65 1.95
CA HIS A 5 -8.44 -11.08 0.91
C HIS A 5 -9.79 -11.49 1.50
N HIS A 6 -10.69 -11.94 0.63
CA HIS A 6 -12.06 -12.34 1.01
C HIS A 6 -12.93 -11.13 1.33
N HIS A 7 -12.38 -10.14 2.01
CA HIS A 7 -13.11 -8.90 2.28
C HIS A 7 -12.13 -7.73 2.33
N HIS A 8 -12.50 -6.63 1.70
CA HIS A 8 -11.68 -5.42 1.69
C HIS A 8 -11.63 -4.79 3.09
N SER A 9 -10.43 -4.45 3.52
CA SER A 9 -10.25 -3.82 4.81
C SER A 9 -9.89 -2.35 4.67
N SER A 10 -8.58 -2.05 4.62
CA SER A 10 -8.08 -0.68 4.61
C SER A 10 -8.90 0.21 5.56
N GLY A 11 -8.73 -0.03 6.84
CA GLY A 11 -9.54 0.64 7.83
C GLY A 11 -8.68 1.51 8.68
N LEU A 12 -7.45 1.55 8.27
CA LEU A 12 -6.41 2.19 9.00
C LEU A 12 -5.41 2.70 7.96
N GLU A 13 -4.51 1.80 7.63
CA GLU A 13 -3.76 1.84 6.40
C GLU A 13 -4.27 0.68 5.52
N VAL A 14 -4.05 -0.52 6.04
CA VAL A 14 -4.61 -1.75 5.49
C VAL A 14 -5.46 -2.38 6.60
N LEU A 15 -5.66 -1.57 7.64
CA LEU A 15 -6.20 -1.99 8.91
C LEU A 15 -5.42 -3.17 9.49
N PHE A 16 -4.13 -3.27 9.19
CA PHE A 16 -3.39 -4.48 9.55
C PHE A 16 -2.06 -4.18 10.24
N GLN A 17 -1.08 -3.68 9.50
CA GLN A 17 0.29 -3.64 10.00
C GLN A 17 1.00 -2.29 9.81
N GLY A 18 0.26 -1.21 9.89
CA GLY A 18 0.88 0.08 9.68
C GLY A 18 0.39 1.14 10.63
N PRO A 19 1.30 2.02 11.04
CA PRO A 19 1.03 3.18 11.86
C PRO A 19 0.50 4.35 11.04
N GLU A 20 -0.06 4.00 9.89
CA GLU A 20 -0.66 4.94 8.96
C GLU A 20 0.28 6.03 8.52
N GLY A 21 1.54 5.77 8.73
CA GLY A 21 2.56 6.75 8.37
C GLY A 21 3.92 6.15 8.10
N ARG A 22 3.98 4.84 8.06
CA ARG A 22 5.14 4.13 7.58
C ARG A 22 4.68 3.24 6.46
N GLU A 23 3.44 3.52 6.06
CA GLU A 23 2.72 2.77 5.06
C GLU A 23 3.39 2.98 3.72
N CYS A 24 2.90 2.39 2.63
CA CYS A 24 3.65 2.52 1.42
C CYS A 24 3.39 3.91 0.85
N VAL A 25 3.64 4.04 -0.43
CA VAL A 25 3.20 5.18 -1.19
C VAL A 25 1.68 5.31 -1.10
N ASN A 26 0.96 4.19 -1.24
CA ASN A 26 -0.48 4.25 -1.29
C ASN A 26 -1.18 3.41 -0.24
N CYS A 27 -0.51 2.38 0.26
CA CYS A 27 -1.26 1.29 0.83
C CYS A 27 -0.89 0.92 2.26
N GLY A 28 0.31 0.40 2.48
CA GLY A 28 0.63 -0.08 3.81
C GLY A 28 1.93 -0.83 3.85
N ALA A 29 2.96 -0.10 3.51
CA ALA A 29 4.32 -0.59 3.54
C ALA A 29 4.78 -1.08 4.91
N THR A 30 5.59 -0.27 5.57
CA THR A 30 6.31 -0.66 6.77
C THR A 30 7.13 -1.94 6.54
N ALA A 31 7.37 -2.28 5.26
CA ALA A 31 8.05 -3.55 4.93
C ALA A 31 8.78 -3.48 3.59
N THR A 32 9.42 -2.34 3.33
CA THR A 32 10.16 -2.11 2.07
C THR A 32 9.42 -2.59 0.80
N PRO A 33 8.13 -2.25 0.64
CA PRO A 33 7.30 -2.69 -0.45
C PRO A 33 7.06 -1.65 -1.58
N LEU A 34 6.04 -0.78 -1.45
CA LEU A 34 5.62 0.12 -2.55
C LEU A 34 5.62 1.54 -2.05
N TRP A 35 6.72 2.01 -1.61
CA TRP A 35 6.82 3.37 -1.17
C TRP A 35 8.09 4.07 -1.60
N ARG A 36 9.20 3.50 -1.19
CA ARG A 36 10.48 4.17 -1.37
C ARG A 36 10.89 4.30 -2.86
N ARG A 37 11.61 3.32 -3.40
CA ARG A 37 12.12 3.42 -4.78
C ARG A 37 12.07 2.09 -5.54
N ASP A 38 11.36 2.10 -6.69
CA ASP A 38 11.28 0.97 -7.60
C ASP A 38 10.50 1.35 -8.86
N GLY A 39 9.19 1.55 -8.69
CA GLY A 39 8.32 1.88 -9.81
C GLY A 39 7.31 2.94 -9.43
N THR A 40 6.46 3.37 -10.38
CA THR A 40 5.44 4.41 -10.18
C THR A 40 6.01 5.71 -9.60
N GLY A 41 7.31 5.92 -9.79
CA GLY A 41 7.96 7.07 -9.20
C GLY A 41 8.33 6.82 -7.76
N HIS A 42 7.71 5.79 -7.19
CA HIS A 42 7.97 5.38 -5.83
C HIS A 42 8.54 3.98 -5.84
N TYR A 43 7.96 3.06 -5.10
CA TYR A 43 8.52 1.69 -4.96
C TYR A 43 7.61 0.63 -5.64
N LEU A 44 7.62 -0.63 -5.17
CA LEU A 44 6.73 -1.66 -5.71
C LEU A 44 6.39 -2.74 -4.68
N CYS A 45 5.18 -2.69 -4.22
CA CYS A 45 4.58 -3.75 -3.44
C CYS A 45 3.46 -4.23 -4.29
N ASN A 46 3.39 -5.54 -4.49
CA ASN A 46 2.43 -6.08 -5.41
C ASN A 46 1.05 -5.64 -5.04
N ALA A 47 0.83 -5.38 -3.79
CA ALA A 47 -0.47 -4.98 -3.31
C ALA A 47 -0.91 -3.68 -3.90
N CYS A 48 -0.11 -2.64 -3.65
CA CYS A 48 -0.35 -1.37 -4.27
C CYS A 48 -0.29 -1.55 -5.78
N GLY A 49 0.69 -2.35 -6.18
CA GLY A 49 0.87 -2.72 -7.56
C GLY A 49 -0.35 -3.44 -8.13
N LEU A 50 -1.06 -4.10 -7.25
CA LEU A 50 -2.29 -4.83 -7.52
C LEU A 50 -3.39 -3.83 -7.49
N TYR A 51 -3.19 -2.89 -6.62
CA TYR A 51 -4.05 -1.77 -6.55
C TYR A 51 -3.87 -0.92 -7.78
N HIS A 52 -2.87 -1.28 -8.55
CA HIS A 52 -2.63 -0.68 -9.85
C HIS A 52 -3.21 -1.54 -10.95
N LYS A 53 -3.31 -2.79 -10.63
CA LYS A 53 -3.77 -3.82 -11.54
C LYS A 53 -5.21 -3.61 -11.96
N MET A 54 -6.08 -3.84 -11.00
CA MET A 54 -7.51 -3.77 -11.23
C MET A 54 -8.09 -2.57 -10.52
N ASN A 55 -7.32 -2.00 -9.60
CA ASN A 55 -7.79 -0.85 -8.86
C ASN A 55 -7.29 0.41 -9.54
N GLY A 56 -6.15 0.23 -10.20
CA GLY A 56 -5.54 1.30 -10.98
C GLY A 56 -5.21 2.57 -10.20
N GLN A 57 -5.05 2.45 -8.88
CA GLN A 57 -4.72 3.63 -8.07
C GLN A 57 -3.33 4.17 -8.40
N ASN A 58 -2.37 3.31 -8.21
CA ASN A 58 -0.97 3.61 -8.42
C ASN A 58 -0.57 3.16 -9.82
N ARG A 59 0.62 3.53 -10.28
CA ARG A 59 0.99 3.23 -11.66
C ARG A 59 2.41 2.66 -11.83
N PRO A 60 2.81 1.62 -11.06
CA PRO A 60 4.08 0.95 -11.23
C PRO A 60 3.94 -0.30 -12.12
N LEU A 61 4.20 -1.51 -11.59
CA LEU A 61 4.08 -2.72 -12.41
C LEU A 61 4.13 -4.01 -11.57
N ILE A 62 3.55 -3.94 -10.35
CA ILE A 62 3.39 -5.07 -9.43
C ILE A 62 4.70 -5.78 -9.06
N LYS A 63 4.74 -6.32 -7.84
CA LYS A 63 5.90 -7.04 -7.34
C LYS A 63 5.60 -7.71 -6.00
ZN ZN B . 1.58 -1.20 -0.76
N MET A 1 -4.14 15.04 12.28
CA MET A 1 -5.58 15.18 12.58
C MET A 1 -6.42 15.02 11.32
N ALA A 2 -5.90 14.29 10.34
CA ALA A 2 -6.56 14.14 9.05
C ALA A 2 -7.90 13.42 9.16
N HIS A 3 -7.97 12.44 10.05
CA HIS A 3 -9.20 11.67 10.22
C HIS A 3 -10.21 12.41 11.08
N HIS A 4 -9.80 13.58 11.60
CA HIS A 4 -10.62 14.38 12.53
C HIS A 4 -10.81 13.61 13.85
N HIS A 5 -11.62 12.57 13.81
CA HIS A 5 -11.81 11.70 14.94
C HIS A 5 -12.12 10.30 14.45
N HIS A 6 -13.10 10.20 13.57
CA HIS A 6 -13.47 8.93 12.96
C HIS A 6 -14.05 9.17 11.57
N HIS A 7 -13.26 8.84 10.54
CA HIS A 7 -13.71 8.99 9.18
C HIS A 7 -14.46 7.73 8.75
N HIS A 8 -13.71 6.68 8.44
CA HIS A 8 -14.28 5.37 8.06
C HIS A 8 -13.24 4.29 8.23
N SER A 9 -12.20 4.37 7.41
CA SER A 9 -11.15 3.36 7.38
C SER A 9 -9.80 4.04 7.38
N SER A 10 -9.00 3.84 8.42
CA SER A 10 -7.70 4.51 8.52
C SER A 10 -7.89 6.01 8.64
N GLY A 11 -8.29 6.61 7.55
CA GLY A 11 -8.35 8.05 7.46
C GLY A 11 -6.99 8.69 7.68
N LEU A 12 -5.95 7.92 7.46
CA LEU A 12 -4.59 8.39 7.66
C LEU A 12 -3.64 7.88 6.59
N GLU A 13 -3.01 6.75 6.90
CA GLU A 13 -1.95 6.18 6.06
C GLU A 13 -2.46 5.93 4.66
N VAL A 14 -3.43 5.05 4.55
CA VAL A 14 -3.98 4.72 3.27
C VAL A 14 -5.23 5.53 3.03
N LEU A 15 -5.71 6.10 4.13
CA LEU A 15 -7.02 6.67 4.20
C LEU A 15 -8.07 5.60 3.84
N PHE A 16 -7.65 4.33 3.94
CA PHE A 16 -8.47 3.21 3.48
C PHE A 16 -8.09 1.87 4.16
N GLN A 17 -7.20 1.09 3.54
CA GLN A 17 -7.04 -0.33 3.89
C GLN A 17 -5.76 -0.65 4.68
N GLY A 18 -5.36 0.25 5.55
CA GLY A 18 -4.21 -0.03 6.38
C GLY A 18 -4.07 0.95 7.49
N PRO A 19 -3.55 0.48 8.60
CA PRO A 19 -3.11 1.24 9.75
C PRO A 19 -1.60 1.32 9.87
N GLU A 20 -0.92 1.10 8.76
CA GLU A 20 0.50 0.81 8.78
C GLU A 20 1.28 2.06 9.09
N GLY A 21 0.55 3.11 9.07
CA GLY A 21 1.08 4.47 9.20
C GLY A 21 2.13 4.87 8.21
N ARG A 22 3.23 4.20 8.30
CA ARG A 22 4.36 4.43 7.43
C ARG A 22 4.14 3.58 6.20
N GLU A 23 2.89 3.63 5.77
CA GLU A 23 2.41 2.90 4.61
C GLU A 23 3.28 3.19 3.40
N CYS A 24 3.06 2.48 2.29
CA CYS A 24 3.98 2.55 1.17
C CYS A 24 3.81 3.92 0.48
N VAL A 25 3.76 3.87 -0.82
CA VAL A 25 3.29 4.98 -1.61
C VAL A 25 1.79 5.16 -1.40
N ASN A 26 1.05 4.05 -1.38
CA ASN A 26 -0.40 4.14 -1.29
C ASN A 26 -1.03 3.27 -0.21
N CYS A 27 -0.40 2.18 0.16
CA CYS A 27 -1.18 1.09 0.72
C CYS A 27 -0.78 0.59 2.12
N GLY A 28 0.49 0.54 2.45
CA GLY A 28 0.82 0.21 3.81
C GLY A 28 2.08 -0.59 3.95
N ALA A 29 3.11 0.01 3.44
CA ALA A 29 4.48 -0.50 3.51
C ALA A 29 4.97 -0.78 4.92
N THR A 30 5.67 0.22 5.46
CA THR A 30 6.47 0.08 6.67
C THR A 30 7.52 -1.05 6.55
N ALA A 31 7.75 -1.58 5.33
CA ALA A 31 8.64 -2.73 5.13
C ALA A 31 9.19 -2.82 3.71
N THR A 32 9.63 -1.68 3.17
CA THR A 32 10.21 -1.56 1.82
C THR A 32 9.49 -2.35 0.69
N PRO A 33 8.16 -2.21 0.55
CA PRO A 33 7.39 -2.78 -0.54
C PRO A 33 7.11 -1.79 -1.71
N LEU A 34 6.11 -0.89 -1.57
CA LEU A 34 5.69 0.05 -2.66
C LEU A 34 5.91 1.44 -2.09
N TRP A 35 6.91 1.47 -1.29
CA TRP A 35 7.19 2.50 -0.32
C TRP A 35 8.00 3.60 -0.95
N ARG A 36 9.19 3.22 -1.34
CA ARG A 36 10.05 4.10 -2.11
C ARG A 36 11.25 3.39 -2.73
N ARG A 37 11.50 3.70 -4.02
CA ARG A 37 12.65 3.21 -4.81
C ARG A 37 12.32 1.98 -5.67
N ASP A 38 11.48 2.16 -6.71
CA ASP A 38 11.25 1.15 -7.74
C ASP A 38 10.39 1.69 -8.89
N GLY A 39 9.08 1.75 -8.68
CA GLY A 39 8.16 2.15 -9.73
C GLY A 39 7.11 3.12 -9.24
N THR A 40 6.22 3.55 -10.15
CA THR A 40 5.14 4.52 -9.85
C THR A 40 5.65 5.81 -9.18
N GLY A 41 6.93 6.09 -9.35
CA GLY A 41 7.53 7.25 -8.70
C GLY A 41 7.93 6.93 -7.27
N HIS A 42 7.59 5.73 -6.82
CA HIS A 42 7.92 5.27 -5.50
C HIS A 42 8.59 3.92 -5.57
N TYR A 43 7.92 2.88 -5.11
CA TYR A 43 8.52 1.53 -5.06
C TYR A 43 7.62 0.50 -5.78
N LEU A 44 7.59 -0.76 -5.31
CA LEU A 44 6.69 -1.77 -5.86
C LEU A 44 6.38 -2.86 -4.85
N CYS A 45 5.27 -2.68 -4.18
CA CYS A 45 4.67 -3.74 -3.43
C CYS A 45 3.58 -4.25 -4.31
N ASN A 46 3.34 -5.54 -4.32
CA ASN A 46 2.35 -6.06 -5.21
C ASN A 46 1.01 -5.51 -4.85
N ALA A 47 0.77 -5.27 -3.58
CA ALA A 47 -0.51 -4.78 -3.14
C ALA A 47 -0.91 -3.51 -3.82
N CYS A 48 -0.10 -2.48 -3.62
CA CYS A 48 -0.32 -1.23 -4.29
C CYS A 48 -0.22 -1.45 -5.79
N GLY A 49 0.76 -2.27 -6.15
CA GLY A 49 0.96 -2.68 -7.51
C GLY A 49 -0.26 -3.38 -8.10
N LEU A 50 -1.03 -3.98 -7.21
CA LEU A 50 -2.26 -4.70 -7.49
C LEU A 50 -3.35 -3.69 -7.47
N TYR A 51 -3.16 -2.73 -6.62
CA TYR A 51 -4.00 -1.60 -6.64
C TYR A 51 -3.83 -0.86 -7.94
N HIS A 52 -2.77 -1.16 -8.64
CA HIS A 52 -2.56 -0.64 -9.98
C HIS A 52 -3.24 -1.51 -11.02
N LYS A 53 -3.27 -2.76 -10.68
CA LYS A 53 -3.75 -3.82 -11.56
C LYS A 53 -5.16 -3.58 -12.04
N MET A 54 -6.09 -3.78 -11.12
CA MET A 54 -7.50 -3.67 -11.44
C MET A 54 -8.08 -2.44 -10.79
N ASN A 55 -7.40 -1.97 -9.75
CA ASN A 55 -7.86 -0.79 -9.05
C ASN A 55 -7.38 0.46 -9.78
N GLY A 56 -6.23 0.33 -10.40
CA GLY A 56 -5.59 1.44 -11.10
C GLY A 56 -5.24 2.60 -10.16
N GLN A 57 -5.20 2.28 -8.86
CA GLN A 57 -4.85 3.19 -7.78
C GLN A 57 -3.54 3.90 -8.08
N ASN A 58 -2.53 3.09 -8.25
CA ASN A 58 -1.20 3.53 -8.53
C ASN A 58 -0.76 3.03 -9.89
N ARG A 59 0.47 3.34 -10.33
CA ARG A 59 0.87 2.97 -11.69
C ARG A 59 2.33 2.50 -11.80
N PRO A 60 2.74 1.47 -11.03
CA PRO A 60 4.01 0.82 -11.20
C PRO A 60 3.86 -0.49 -12.00
N LEU A 61 4.26 -1.65 -11.45
CA LEU A 61 4.21 -2.90 -12.22
C LEU A 61 4.24 -4.14 -11.33
N ILE A 62 3.59 -4.04 -10.16
CA ILE A 62 3.41 -5.14 -9.20
C ILE A 62 4.71 -5.84 -8.73
N LYS A 63 4.67 -6.40 -7.51
CA LYS A 63 5.80 -7.13 -6.95
C LYS A 63 5.42 -7.85 -5.66
ZN ZN B . 1.67 -1.15 -0.83
N MET A 1 -10.04 -1.37 14.76
CA MET A 1 -9.14 -1.99 13.76
C MET A 1 -9.97 -2.54 12.60
N ALA A 2 -9.36 -3.41 11.79
CA ALA A 2 -10.05 -3.94 10.62
C ALA A 2 -10.66 -5.31 10.90
N HIS A 3 -9.80 -6.30 11.12
CA HIS A 3 -10.23 -7.69 11.20
C HIS A 3 -10.95 -8.07 9.91
N HIS A 4 -10.21 -7.97 8.82
CA HIS A 4 -10.74 -8.29 7.49
C HIS A 4 -9.96 -9.46 6.92
N HIS A 5 -10.65 -10.58 6.73
CA HIS A 5 -10.00 -11.80 6.24
C HIS A 5 -9.48 -11.61 4.82
N HIS A 6 -10.17 -10.79 4.05
CA HIS A 6 -9.70 -10.41 2.72
C HIS A 6 -9.98 -8.94 2.49
N HIS A 7 -8.93 -8.17 2.27
CA HIS A 7 -9.05 -6.72 2.17
C HIS A 7 -9.23 -6.27 0.72
N HIS A 8 -9.91 -5.14 0.56
CA HIS A 8 -10.09 -4.51 -0.75
C HIS A 8 -9.89 -3.00 -0.62
N SER A 9 -10.48 -2.43 0.41
CA SER A 9 -10.47 -0.99 0.61
C SER A 9 -9.39 -0.59 1.59
N SER A 10 -8.79 0.56 1.37
CA SER A 10 -7.95 1.19 2.33
C SER A 10 -8.82 1.73 3.48
N GLY A 11 -9.16 0.88 4.43
CA GLY A 11 -9.93 1.33 5.56
C GLY A 11 -9.01 1.65 6.69
N LEU A 12 -7.87 1.00 6.63
CA LEU A 12 -6.79 1.29 7.53
C LEU A 12 -5.69 1.97 6.74
N GLU A 13 -4.78 1.15 6.27
CA GLU A 13 -3.85 1.53 5.22
C GLU A 13 -4.12 0.63 4.01
N VAL A 14 -4.17 -0.69 4.24
CA VAL A 14 -4.69 -1.65 3.27
C VAL A 14 -5.85 -2.38 3.93
N LEU A 15 -6.33 -1.76 4.99
CA LEU A 15 -7.31 -2.34 5.89
C LEU A 15 -6.88 -3.73 6.35
N PHE A 16 -5.60 -3.91 6.66
CA PHE A 16 -5.08 -5.22 7.02
C PHE A 16 -3.93 -5.15 8.01
N GLN A 17 -2.72 -4.87 7.54
CA GLN A 17 -1.53 -5.03 8.38
C GLN A 17 -1.12 -3.73 9.05
N GLY A 18 -1.97 -2.76 8.95
CA GLY A 18 -1.71 -1.48 9.54
C GLY A 18 -2.72 -0.43 9.21
N PRO A 19 -2.88 0.46 10.15
CA PRO A 19 -3.40 1.80 9.98
C PRO A 19 -2.32 2.85 10.20
N GLU A 20 -1.08 2.41 10.10
CA GLU A 20 0.02 3.09 10.81
C GLU A 20 0.46 4.29 10.05
N GLY A 21 -0.17 4.44 8.95
CA GLY A 21 0.19 5.44 7.96
C GLY A 21 1.68 5.52 7.71
N ARG A 22 2.38 4.42 7.94
CA ARG A 22 3.77 4.27 7.60
C ARG A 22 3.76 3.33 6.43
N GLU A 23 2.54 3.22 5.92
CA GLU A 23 2.18 2.42 4.80
C GLU A 23 2.99 2.84 3.57
N CYS A 24 2.81 2.20 2.42
CA CYS A 24 3.74 2.41 1.33
C CYS A 24 3.52 3.80 0.72
N VAL A 25 3.82 3.91 -0.55
CA VAL A 25 3.41 5.07 -1.31
C VAL A 25 1.91 5.27 -1.19
N ASN A 26 1.13 4.19 -1.29
CA ASN A 26 -0.31 4.31 -1.31
C ASN A 26 -1.00 3.41 -0.32
N CYS A 27 -0.37 2.33 0.08
CA CYS A 27 -1.15 1.23 0.60
C CYS A 27 -0.73 0.77 1.99
N GLY A 28 0.43 0.17 2.16
CA GLY A 28 0.73 -0.42 3.44
C GLY A 28 2.06 -1.09 3.53
N ALA A 29 3.07 -0.28 3.31
CA ALA A 29 4.46 -0.67 3.47
C ALA A 29 4.84 -0.99 4.91
N THR A 30 5.33 0.04 5.59
CA THR A 30 5.90 -0.07 6.93
C THR A 30 7.09 -1.05 6.96
N ALA A 31 7.62 -1.36 5.78
CA ALA A 31 8.77 -2.26 5.67
C ALA A 31 9.60 -1.88 4.43
N THR A 32 9.45 -2.59 3.31
CA THR A 32 10.06 -2.16 2.07
C THR A 32 9.29 -2.58 0.79
N PRO A 33 7.96 -2.35 0.76
CA PRO A 33 7.08 -2.54 -0.40
C PRO A 33 6.46 -1.23 -0.94
N LEU A 34 6.61 -0.95 -2.25
CA LEU A 34 5.90 0.17 -2.93
C LEU A 34 5.96 1.44 -2.08
N TRP A 35 7.06 1.56 -1.43
CA TRP A 35 7.30 2.51 -0.38
C TRP A 35 8.28 3.56 -0.85
N ARG A 36 9.49 3.09 -1.14
CA ARG A 36 10.57 3.96 -1.54
C ARG A 36 11.44 3.38 -2.67
N ARG A 37 11.35 3.99 -3.86
CA ARG A 37 12.28 3.74 -4.99
C ARG A 37 12.10 2.39 -5.71
N ASP A 38 11.42 2.43 -6.86
CA ASP A 38 11.30 1.31 -7.80
C ASP A 38 10.43 1.70 -8.99
N GLY A 39 9.14 1.88 -8.74
CA GLY A 39 8.18 2.22 -9.78
C GLY A 39 7.09 3.15 -9.29
N THR A 40 6.19 3.57 -10.19
CA THR A 40 5.08 4.51 -9.90
C THR A 40 5.56 5.81 -9.25
N GLY A 41 6.83 6.13 -9.41
CA GLY A 41 7.39 7.30 -8.76
C GLY A 41 7.92 6.96 -7.39
N HIS A 42 7.46 5.84 -6.85
CA HIS A 42 7.96 5.33 -5.59
C HIS A 42 8.52 3.95 -5.78
N TYR A 43 7.99 2.96 -5.10
CA TYR A 43 8.59 1.61 -5.07
C TYR A 43 7.67 0.57 -5.75
N LEU A 44 7.73 -0.68 -5.30
CA LEU A 44 6.78 -1.70 -5.75
C LEU A 44 6.46 -2.65 -4.62
N CYS A 45 5.18 -2.79 -4.41
CA CYS A 45 4.61 -3.82 -3.58
C CYS A 45 3.48 -4.34 -4.42
N ASN A 46 3.28 -5.63 -4.44
CA ASN A 46 2.26 -6.20 -5.30
C ASN A 46 0.93 -5.63 -4.94
N ALA A 47 0.74 -5.28 -3.69
CA ALA A 47 -0.53 -4.77 -3.24
C ALA A 47 -0.91 -3.50 -3.93
N CYS A 48 -0.09 -2.48 -3.73
CA CYS A 48 -0.28 -1.23 -4.42
C CYS A 48 -0.19 -1.49 -5.91
N GLY A 49 0.76 -2.36 -6.24
CA GLY A 49 0.95 -2.84 -7.59
C GLY A 49 -0.27 -3.59 -8.14
N LEU A 50 -1.11 -3.99 -7.20
CA LEU A 50 -2.36 -4.70 -7.45
C LEU A 50 -3.43 -3.66 -7.45
N TYR A 51 -3.18 -2.66 -6.66
CA TYR A 51 -3.97 -1.49 -6.73
C TYR A 51 -3.82 -0.82 -8.06
N HIS A 52 -2.84 -1.26 -8.79
CA HIS A 52 -2.64 -0.84 -10.18
C HIS A 52 -3.53 -1.63 -11.09
N LYS A 53 -3.35 -2.88 -10.91
CA LYS A 53 -3.99 -3.96 -11.63
C LYS A 53 -5.44 -3.71 -11.95
N MET A 54 -6.25 -3.77 -10.92
CA MET A 54 -7.69 -3.69 -11.09
C MET A 54 -8.22 -2.43 -10.44
N ASN A 55 -7.39 -1.81 -9.61
CA ASN A 55 -7.81 -0.58 -8.96
C ASN A 55 -7.31 0.64 -9.70
N GLY A 56 -6.19 0.45 -10.40
CA GLY A 56 -5.53 1.56 -11.08
C GLY A 56 -5.14 2.71 -10.14
N GLN A 57 -5.11 2.41 -8.85
CA GLN A 57 -4.70 3.31 -7.78
C GLN A 57 -3.36 3.93 -8.11
N ASN A 58 -2.38 3.06 -8.15
CA ASN A 58 -1.02 3.41 -8.45
C ASN A 58 -0.63 2.81 -9.78
N ARG A 59 0.49 3.24 -10.36
CA ARG A 59 0.84 2.81 -11.72
C ARG A 59 2.29 2.34 -11.87
N PRO A 60 2.74 1.35 -11.08
CA PRO A 60 4.07 0.78 -11.23
C PRO A 60 4.04 -0.57 -12.00
N LEU A 61 4.47 -1.69 -11.38
CA LEU A 61 4.59 -2.96 -12.10
C LEU A 61 4.47 -4.18 -11.15
N ILE A 62 3.81 -3.96 -10.00
CA ILE A 62 3.59 -4.98 -8.95
C ILE A 62 4.88 -5.70 -8.48
N LYS A 63 4.85 -6.19 -7.23
CA LYS A 63 5.96 -6.99 -6.70
C LYS A 63 5.56 -7.67 -5.40
ZN ZN B . 1.60 -1.19 -0.97
N MET A 1 -14.96 3.46 2.99
CA MET A 1 -14.18 2.80 4.08
C MET A 1 -12.72 3.21 4.02
N ALA A 2 -12.16 3.26 2.83
CA ALA A 2 -10.78 3.67 2.65
C ALA A 2 -10.68 5.18 2.46
N HIS A 3 -9.54 5.64 1.95
CA HIS A 3 -9.31 7.07 1.73
C HIS A 3 -9.32 7.83 3.04
N HIS A 4 -8.93 7.14 4.10
CA HIS A 4 -8.89 7.71 5.44
C HIS A 4 -7.51 7.55 6.05
N HIS A 5 -7.29 8.23 7.17
CA HIS A 5 -6.03 8.11 7.89
C HIS A 5 -6.18 8.66 9.31
N HIS A 6 -6.29 7.76 10.29
CA HIS A 6 -6.41 8.17 11.67
C HIS A 6 -5.74 7.17 12.62
N HIS A 7 -4.40 7.13 12.53
CA HIS A 7 -3.56 6.37 13.45
C HIS A 7 -3.65 4.87 13.22
N HIS A 8 -4.71 4.22 13.68
CA HIS A 8 -4.84 2.78 13.56
C HIS A 8 -6.27 2.34 13.34
N SER A 9 -6.65 2.18 12.08
CA SER A 9 -7.93 1.58 11.73
C SER A 9 -7.76 0.09 11.50
N SER A 10 -6.64 -0.28 10.86
CA SER A 10 -6.39 -1.66 10.47
C SER A 10 -7.57 -2.19 9.67
N GLY A 11 -7.67 -1.76 8.41
CA GLY A 11 -8.82 -2.09 7.63
C GLY A 11 -9.04 -1.14 6.46
N LEU A 12 -7.95 -0.70 5.82
CA LEU A 12 -8.08 0.22 4.69
C LEU A 12 -6.76 0.48 3.98
N GLU A 13 -5.68 0.49 4.74
CA GLU A 13 -4.36 0.66 4.17
C GLU A 13 -4.11 -0.52 3.27
N VAL A 14 -4.61 -1.64 3.75
CA VAL A 14 -4.32 -2.96 3.23
C VAL A 14 -5.43 -3.86 3.74
N LEU A 15 -6.41 -3.18 4.32
CA LEU A 15 -7.38 -3.80 5.17
C LEU A 15 -6.70 -4.65 6.23
N PHE A 16 -5.57 -4.16 6.77
CA PHE A 16 -4.78 -4.99 7.69
C PHE A 16 -3.76 -4.20 8.54
N GLN A 17 -2.59 -3.89 7.99
CA GLN A 17 -1.43 -3.58 8.84
C GLN A 17 -0.84 -2.17 8.67
N GLY A 18 -1.67 -1.15 8.69
CA GLY A 18 -1.12 0.17 8.52
C GLY A 18 -1.54 1.17 9.57
N PRO A 19 -0.61 2.05 9.91
CA PRO A 19 -0.81 3.23 10.73
C PRO A 19 -1.26 4.43 9.91
N GLU A 20 -1.68 4.12 8.71
CA GLU A 20 -2.27 5.07 7.77
C GLU A 20 -1.43 6.29 7.54
N GLY A 21 -0.17 6.15 7.80
CA GLY A 21 0.74 7.26 7.60
C GLY A 21 2.21 6.89 7.68
N ARG A 22 2.48 5.61 7.55
CA ARG A 22 3.82 5.12 7.36
C ARG A 22 3.69 4.04 6.33
N GLU A 23 2.57 4.13 5.63
CA GLU A 23 2.12 3.13 4.70
C GLU A 23 3.03 3.17 3.48
N CYS A 24 2.72 2.49 2.38
CA CYS A 24 3.62 2.61 1.27
C CYS A 24 3.35 3.96 0.62
N VAL A 25 3.66 4.07 -0.63
CA VAL A 25 3.26 5.21 -1.41
C VAL A 25 1.73 5.36 -1.37
N ASN A 26 1.01 4.23 -1.45
CA ASN A 26 -0.43 4.28 -1.54
C ASN A 26 -1.12 3.45 -0.48
N CYS A 27 -0.45 2.45 0.04
CA CYS A 27 -1.19 1.38 0.65
C CYS A 27 -0.78 1.06 2.08
N GLY A 28 0.37 0.43 2.29
CA GLY A 28 0.66 0.00 3.64
C GLY A 28 1.99 -0.65 3.81
N ALA A 29 3.00 0.11 3.47
CA ALA A 29 4.38 -0.27 3.67
C ALA A 29 4.76 -0.44 5.12
N THR A 30 5.21 0.67 5.71
CA THR A 30 5.80 0.68 7.04
C THR A 30 7.03 -0.26 7.11
N ALA A 31 7.58 -0.55 5.93
CA ALA A 31 8.76 -1.41 5.80
C ALA A 31 9.55 -1.04 4.54
N THR A 32 9.41 -1.80 3.46
CA THR A 32 10.00 -1.43 2.16
C THR A 32 9.32 -2.14 0.96
N PRO A 33 7.99 -2.06 0.84
CA PRO A 33 7.22 -2.62 -0.29
C PRO A 33 6.97 -1.66 -1.48
N LEU A 34 6.00 -0.72 -1.37
CA LEU A 34 5.61 0.20 -2.48
C LEU A 34 5.83 1.59 -1.93
N TRP A 35 6.87 1.67 -1.20
CA TRP A 35 7.14 2.72 -0.27
C TRP A 35 8.03 3.76 -0.88
N ARG A 36 9.25 3.32 -1.14
CA ARG A 36 10.25 4.19 -1.70
C ARG A 36 11.26 3.47 -2.60
N ARG A 37 11.30 3.87 -3.88
CA ARG A 37 12.33 3.46 -4.86
C ARG A 37 12.06 2.09 -5.50
N ASP A 38 11.40 2.12 -6.66
CA ASP A 38 11.27 0.97 -7.58
C ASP A 38 10.48 1.38 -8.82
N GLY A 39 9.18 1.59 -8.64
CA GLY A 39 8.30 1.96 -9.74
C GLY A 39 7.26 2.98 -9.33
N THR A 40 6.41 3.41 -10.26
CA THR A 40 5.36 4.43 -10.03
C THR A 40 5.90 5.72 -9.40
N GLY A 41 7.20 5.95 -9.55
CA GLY A 41 7.80 7.12 -8.93
C GLY A 41 8.21 6.85 -7.50
N HIS A 42 7.70 5.75 -6.97
CA HIS A 42 8.06 5.28 -5.65
C HIS A 42 8.56 3.86 -5.74
N TYR A 43 7.98 2.94 -4.99
CA TYR A 43 8.51 1.55 -4.90
C TYR A 43 7.57 0.55 -5.62
N LEU A 44 7.54 -0.72 -5.17
CA LEU A 44 6.64 -1.71 -5.76
C LEU A 44 6.30 -2.83 -4.81
N CYS A 45 5.29 -2.61 -4.00
CA CYS A 45 4.62 -3.69 -3.30
C CYS A 45 3.54 -4.18 -4.21
N ASN A 46 3.50 -5.47 -4.45
CA ASN A 46 2.55 -6.04 -5.38
C ASN A 46 1.16 -5.65 -5.02
N ALA A 47 0.91 -5.45 -3.76
CA ALA A 47 -0.40 -5.08 -3.31
C ALA A 47 -0.85 -3.79 -3.93
N CYS A 48 -0.06 -2.76 -3.69
CA CYS A 48 -0.27 -1.49 -4.31
C CYS A 48 -0.24 -1.66 -5.82
N GLY A 49 0.68 -2.49 -6.25
CA GLY A 49 0.87 -2.79 -7.64
C GLY A 49 -0.33 -3.51 -8.23
N LEU A 50 -0.98 -4.24 -7.36
CA LEU A 50 -2.18 -4.99 -7.62
C LEU A 50 -3.29 -4.00 -7.61
N TYR A 51 -3.13 -3.06 -6.71
CA TYR A 51 -4.02 -1.96 -6.62
C TYR A 51 -3.84 -1.07 -7.83
N HIS A 52 -2.84 -1.38 -8.59
CA HIS A 52 -2.59 -0.68 -9.84
C HIS A 52 -3.24 -1.40 -10.99
N LYS A 53 -3.45 -2.66 -10.78
CA LYS A 53 -3.99 -3.55 -11.77
C LYS A 53 -5.46 -3.30 -12.01
N MET A 54 -6.24 -3.70 -11.04
CA MET A 54 -7.69 -3.67 -11.13
C MET A 54 -8.22 -2.45 -10.41
N ASN A 55 -7.44 -1.95 -9.48
CA ASN A 55 -7.84 -0.80 -8.70
C ASN A 55 -7.36 0.45 -9.39
N GLY A 56 -6.29 0.28 -10.14
CA GLY A 56 -5.71 1.34 -10.94
C GLY A 56 -5.30 2.57 -10.14
N GLN A 57 -5.03 2.40 -8.84
CA GLN A 57 -4.60 3.53 -8.02
C GLN A 57 -3.17 3.97 -8.41
N ASN A 58 -2.18 3.42 -7.71
CA ASN A 58 -0.78 3.51 -8.09
C ASN A 58 -0.55 3.10 -9.54
N ARG A 59 0.62 3.42 -10.09
CA ARG A 59 0.89 3.13 -11.50
C ARG A 59 2.32 2.59 -11.74
N PRO A 60 2.75 1.53 -11.03
CA PRO A 60 4.03 0.89 -11.26
C PRO A 60 3.89 -0.39 -12.11
N LEU A 61 4.31 -1.57 -11.61
CA LEU A 61 4.35 -2.77 -12.46
C LEU A 61 4.18 -4.07 -11.67
N ILE A 62 3.59 -3.97 -10.48
CA ILE A 62 3.38 -5.08 -9.55
C ILE A 62 4.65 -5.88 -9.22
N LYS A 63 4.83 -6.21 -7.94
CA LYS A 63 5.97 -7.00 -7.51
C LYS A 63 5.70 -7.60 -6.14
ZN ZN B . 1.57 -1.18 -0.79
N MET A 1 -13.34 -7.74 8.29
CA MET A 1 -13.94 -6.44 8.68
C MET A 1 -13.03 -5.71 9.67
N ALA A 2 -12.39 -4.65 9.21
CA ALA A 2 -11.51 -3.85 10.06
C ALA A 2 -12.32 -2.93 10.96
N HIS A 3 -11.67 -2.40 11.98
CA HIS A 3 -12.33 -1.56 12.97
C HIS A 3 -11.34 -0.60 13.61
N HIS A 4 -11.77 0.09 14.66
CA HIS A 4 -10.89 1.00 15.39
C HIS A 4 -9.82 0.22 16.15
N HIS A 5 -8.65 0.11 15.55
CA HIS A 5 -7.53 -0.58 16.15
C HIS A 5 -6.23 0.10 15.73
N HIS A 6 -5.32 0.28 16.67
CA HIS A 6 -4.06 0.96 16.40
C HIS A 6 -2.94 0.35 17.25
N HIS A 7 -1.77 1.00 17.22
CA HIS A 7 -0.59 0.57 17.98
C HIS A 7 0.01 -0.70 17.38
N HIS A 8 -0.71 -1.81 17.50
CA HIS A 8 -0.26 -3.08 16.94
C HIS A 8 -0.77 -3.20 15.50
N SER A 9 -0.66 -2.10 14.76
CA SER A 9 -1.15 -2.01 13.39
C SER A 9 -2.59 -2.46 13.28
N SER A 10 -2.87 -3.24 12.23
CA SER A 10 -4.22 -3.66 11.88
C SER A 10 -5.19 -2.53 12.06
N GLY A 11 -4.99 -1.60 11.18
CA GLY A 11 -5.90 -0.60 10.88
C GLY A 11 -6.06 -0.81 9.44
N LEU A 12 -6.89 -0.11 8.82
CA LEU A 12 -7.25 -0.53 7.50
C LEU A 12 -6.46 0.12 6.41
N GLU A 13 -5.18 -0.03 6.62
CA GLU A 13 -4.19 0.15 5.59
C GLU A 13 -4.32 -1.04 4.65
N VAL A 14 -4.41 -2.20 5.29
CA VAL A 14 -4.57 -3.50 4.67
C VAL A 14 -5.13 -4.38 5.77
N LEU A 15 -5.60 -3.70 6.81
CA LEU A 15 -6.00 -4.26 8.07
C LEU A 15 -5.16 -5.48 8.48
N PHE A 16 -3.86 -5.38 8.20
CA PHE A 16 -2.97 -6.50 8.41
C PHE A 16 -1.72 -6.09 9.20
N GLN A 17 -0.80 -5.36 8.55
CA GLN A 17 0.53 -5.16 9.13
C GLN A 17 1.00 -3.72 9.12
N GLY A 18 0.08 -2.78 9.07
CA GLY A 18 0.47 -1.40 9.03
C GLY A 18 -0.24 -0.54 10.05
N PRO A 19 0.51 0.37 10.64
CA PRO A 19 0.03 1.39 11.56
C PRO A 19 -0.55 2.60 10.83
N GLU A 20 -0.91 2.36 9.58
CA GLU A 20 -1.50 3.34 8.68
C GLU A 20 -0.74 4.63 8.63
N GLY A 21 0.52 4.54 8.97
CA GLY A 21 1.37 5.71 8.97
C GLY A 21 2.83 5.42 8.74
N ARG A 22 3.12 4.19 8.40
CA ARG A 22 4.43 3.79 7.97
C ARG A 22 4.21 2.91 6.78
N GLU A 23 3.02 3.11 6.22
CA GLU A 23 2.48 2.30 5.17
C GLU A 23 3.22 2.61 3.88
N CYS A 24 2.82 2.04 2.74
CA CYS A 24 3.58 2.29 1.53
C CYS A 24 3.31 3.71 1.07
N VAL A 25 3.60 3.96 -0.19
CA VAL A 25 3.12 5.14 -0.84
C VAL A 25 1.58 5.26 -0.68
N ASN A 26 0.87 4.13 -0.76
CA ASN A 26 -0.58 4.16 -0.60
C ASN A 26 -1.07 3.28 0.53
N CYS A 27 -0.52 2.10 0.62
CA CYS A 27 -1.31 0.99 1.10
C CYS A 27 -0.89 0.47 2.45
N GLY A 28 0.27 -0.11 2.55
CA GLY A 28 0.63 -0.74 3.79
C GLY A 28 1.98 -1.38 3.74
N ALA A 29 2.96 -0.54 3.57
CA ALA A 29 4.36 -0.97 3.57
C ALA A 29 4.88 -1.36 4.92
N THR A 30 5.54 -0.41 5.58
CA THR A 30 6.35 -0.68 6.75
C THR A 30 7.41 -1.75 6.43
N ALA A 31 7.76 -1.83 5.14
CA ALA A 31 8.69 -2.83 4.64
C ALA A 31 9.40 -2.31 3.38
N THR A 32 9.14 -2.92 2.22
CA THR A 32 9.71 -2.43 0.96
C THR A 32 8.81 -2.69 -0.28
N PRO A 33 7.50 -2.39 -0.20
CA PRO A 33 6.55 -2.58 -1.30
C PRO A 33 6.49 -1.41 -2.30
N LEU A 34 5.52 -0.46 -2.16
CA LEU A 34 5.28 0.65 -3.15
C LEU A 34 5.62 1.96 -2.42
N TRP A 35 5.84 1.73 -1.15
CA TRP A 35 6.48 2.62 -0.18
C TRP A 35 7.30 3.77 -0.77
N ARG A 36 8.52 3.46 -1.17
CA ARG A 36 9.49 4.51 -1.46
C ARG A 36 9.69 4.76 -2.96
N ARG A 37 10.67 4.10 -3.58
CA ARG A 37 10.96 4.32 -5.00
C ARG A 37 11.43 3.04 -5.67
N ASP A 38 10.89 2.76 -6.85
CA ASP A 38 11.25 1.57 -7.61
C ASP A 38 10.72 1.64 -9.04
N GLY A 39 9.41 1.54 -9.17
CA GLY A 39 8.80 1.47 -10.49
C GLY A 39 8.06 2.73 -10.90
N THR A 40 6.96 2.98 -10.23
CA THR A 40 6.02 4.06 -10.60
C THR A 40 6.52 5.46 -10.19
N GLY A 41 7.80 5.60 -9.98
CA GLY A 41 8.31 6.83 -9.40
C GLY A 41 8.34 6.68 -7.90
N HIS A 42 7.38 5.93 -7.40
CA HIS A 42 7.42 5.42 -6.06
C HIS A 42 7.87 3.98 -6.15
N TYR A 43 7.58 3.19 -5.15
CA TYR A 43 8.19 1.85 -5.09
C TYR A 43 7.35 0.86 -5.93
N LEU A 44 7.14 -0.38 -5.49
CA LEU A 44 6.36 -1.32 -6.30
C LEU A 44 5.18 -1.92 -5.55
N CYS A 45 5.44 -2.85 -4.64
CA CYS A 45 4.39 -3.53 -3.88
C CYS A 45 3.59 -4.40 -4.82
N ASN A 46 3.17 -5.53 -4.36
CA ASN A 46 2.19 -6.26 -5.11
C ASN A 46 0.86 -5.70 -4.76
N ALA A 47 0.70 -5.28 -3.54
CA ALA A 47 -0.57 -4.77 -3.07
C ALA A 47 -0.94 -3.48 -3.73
N CYS A 48 -0.08 -2.50 -3.58
CA CYS A 48 -0.27 -1.26 -4.25
C CYS A 48 -0.10 -1.51 -5.74
N GLY A 49 0.88 -2.34 -6.04
CA GLY A 49 1.08 -2.82 -7.37
C GLY A 49 -0.15 -3.55 -7.93
N LEU A 50 -1.00 -3.97 -7.00
CA LEU A 50 -2.27 -4.65 -7.28
C LEU A 50 -3.31 -3.60 -7.37
N TYR A 51 -3.14 -2.62 -6.53
CA TYR A 51 -3.98 -1.48 -6.59
C TYR A 51 -3.72 -0.73 -7.88
N HIS A 52 -2.65 -1.12 -8.52
CA HIS A 52 -2.31 -0.70 -9.87
C HIS A 52 -3.09 -1.50 -10.90
N LYS A 53 -3.19 -2.75 -10.58
CA LYS A 53 -3.75 -3.76 -11.45
C LYS A 53 -5.17 -3.45 -11.88
N MET A 54 -6.07 -3.69 -10.97
CA MET A 54 -7.49 -3.60 -11.24
C MET A 54 -8.06 -2.36 -10.57
N ASN A 55 -7.31 -1.82 -9.62
CA ASN A 55 -7.75 -0.64 -8.92
C ASN A 55 -7.24 0.58 -9.64
N GLY A 56 -6.14 0.32 -10.36
CA GLY A 56 -5.54 1.31 -11.24
C GLY A 56 -5.20 2.62 -10.58
N GLN A 57 -4.78 2.57 -9.31
CA GLN A 57 -4.31 3.77 -8.64
C GLN A 57 -2.81 3.99 -8.98
N ASN A 58 -1.96 3.99 -7.95
CA ASN A 58 -0.51 3.82 -8.10
C ASN A 58 -0.20 2.88 -9.26
N ARG A 59 0.55 3.35 -10.26
CA ARG A 59 0.72 2.58 -11.49
C ARG A 59 2.19 2.27 -11.81
N PRO A 60 2.78 1.28 -11.12
CA PRO A 60 4.10 0.78 -11.42
C PRO A 60 4.11 -0.55 -12.21
N LEU A 61 4.33 -1.69 -11.54
CA LEU A 61 4.43 -2.99 -12.25
C LEU A 61 4.32 -4.20 -11.31
N ILE A 62 3.75 -3.99 -10.11
CA ILE A 62 3.56 -5.01 -9.06
C ILE A 62 4.85 -5.75 -8.66
N LYS A 63 5.05 -5.87 -7.34
CA LYS A 63 6.14 -6.66 -6.76
C LYS A 63 6.12 -6.56 -5.23
ZN ZN B . 1.50 -1.32 -0.74
N MET A 1 -1.39 -9.27 7.28
CA MET A 1 -1.96 -9.71 8.57
C MET A 1 -3.48 -9.57 8.57
N ALA A 2 -4.13 -10.38 7.74
CA ALA A 2 -5.57 -10.33 7.58
C ALA A 2 -6.22 -11.64 7.99
N HIS A 3 -5.94 -12.70 7.24
CA HIS A 3 -6.61 -13.97 7.45
C HIS A 3 -5.66 -14.99 8.08
N HIS A 4 -5.07 -14.61 9.20
CA HIS A 4 -4.20 -15.48 9.98
C HIS A 4 -3.81 -14.80 11.28
N HIS A 5 -3.28 -13.58 11.14
CA HIS A 5 -3.03 -12.73 12.29
C HIS A 5 -3.92 -11.51 12.21
N HIS A 6 -5.10 -11.61 12.81
CA HIS A 6 -6.05 -10.52 12.79
C HIS A 6 -5.92 -9.67 14.04
N HIS A 7 -5.83 -10.33 15.20
CA HIS A 7 -5.70 -9.61 16.45
C HIS A 7 -4.24 -9.23 16.68
N HIS A 8 -4.04 -8.04 17.27
CA HIS A 8 -2.70 -7.50 17.52
C HIS A 8 -1.95 -7.30 16.20
N SER A 9 -2.72 -7.02 15.16
CA SER A 9 -2.15 -6.81 13.84
C SER A 9 -2.91 -5.70 13.14
N SER A 10 -2.69 -5.59 11.84
CA SER A 10 -3.42 -4.68 10.99
C SER A 10 -4.91 -4.71 11.28
N GLY A 11 -5.58 -5.68 10.67
CA GLY A 11 -7.01 -5.89 10.86
C GLY A 11 -7.87 -4.63 10.80
N LEU A 12 -7.38 -3.59 10.15
CA LEU A 12 -8.08 -2.31 10.10
C LEU A 12 -7.82 -1.57 8.79
N GLU A 13 -6.76 -0.78 8.84
CA GLU A 13 -6.26 0.07 7.77
C GLU A 13 -6.59 -0.48 6.38
N VAL A 14 -6.10 -1.67 6.11
CA VAL A 14 -6.46 -2.37 4.89
C VAL A 14 -6.88 -3.79 5.25
N LEU A 15 -6.93 -4.03 6.56
CA LEU A 15 -7.10 -5.36 7.12
C LEU A 15 -5.86 -6.22 6.81
N PHE A 16 -5.39 -6.13 5.57
CA PHE A 16 -4.16 -6.80 5.14
C PHE A 16 -2.93 -6.24 5.83
N GLN A 17 -2.41 -5.13 5.31
CA GLN A 17 -1.18 -4.54 5.80
C GLN A 17 -1.21 -3.01 5.75
N GLY A 18 -2.40 -2.47 5.82
CA GLY A 18 -2.63 -1.06 5.52
C GLY A 18 -1.88 -0.05 6.37
N PRO A 19 -2.21 1.23 6.14
CA PRO A 19 -1.59 2.37 6.76
C PRO A 19 -1.92 2.49 8.21
N GLU A 20 -1.23 1.68 8.94
CA GLU A 20 -0.94 1.90 10.34
C GLU A 20 -0.03 3.11 10.49
N GLY A 21 0.15 3.70 9.34
CA GLY A 21 0.89 4.93 9.18
C GLY A 21 2.36 4.76 8.89
N ARG A 22 2.75 3.54 8.60
CA ARG A 22 4.09 3.25 8.10
C ARG A 22 3.92 2.69 6.69
N GLU A 23 2.84 3.15 6.08
CA GLU A 23 2.31 2.60 4.86
C GLU A 23 3.21 2.85 3.69
N CYS A 24 2.81 2.36 2.51
CA CYS A 24 3.65 2.50 1.38
C CYS A 24 3.48 3.92 0.84
N VAL A 25 3.62 4.03 -0.46
CA VAL A 25 3.18 5.18 -1.18
C VAL A 25 1.66 5.31 -1.06
N ASN A 26 0.95 4.18 -1.20
CA ASN A 26 -0.48 4.22 -1.22
C ASN A 26 -1.15 3.36 -0.17
N CYS A 27 -0.52 2.28 0.24
CA CYS A 27 -1.31 1.17 0.74
C CYS A 27 -0.99 0.69 2.15
N GLY A 28 0.25 0.40 2.48
CA GLY A 28 0.55 -0.03 3.84
C GLY A 28 1.87 -0.77 3.93
N ALA A 29 2.87 -0.11 3.43
CA ALA A 29 4.22 -0.65 3.31
C ALA A 29 4.75 -1.36 4.55
N THR A 30 5.42 -0.59 5.40
CA THR A 30 6.14 -1.10 6.58
C THR A 30 7.15 -2.23 6.27
N ALA A 31 7.57 -2.42 5.01
CA ALA A 31 8.47 -3.56 4.72
C ALA A 31 9.09 -3.52 3.32
N THR A 32 9.81 -2.44 3.00
CA THR A 32 10.39 -2.22 1.65
C THR A 32 9.46 -2.62 0.48
N PRO A 33 8.18 -2.24 0.55
CA PRO A 33 7.17 -2.60 -0.43
C PRO A 33 6.99 -1.57 -1.58
N LEU A 34 5.98 -0.67 -1.48
CA LEU A 34 5.58 0.20 -2.61
C LEU A 34 5.57 1.60 -2.11
N TRP A 35 6.66 2.06 -1.62
CA TRP A 35 6.74 3.40 -1.15
C TRP A 35 7.96 4.14 -1.60
N ARG A 36 9.10 3.67 -1.16
CA ARG A 36 10.32 4.43 -1.33
C ARG A 36 10.72 4.59 -2.82
N ARG A 37 11.37 3.58 -3.41
CA ARG A 37 11.80 3.68 -4.81
C ARG A 37 11.96 2.32 -5.50
N ASP A 38 11.32 2.21 -6.67
CA ASP A 38 11.33 1.00 -7.51
C ASP A 38 10.57 1.28 -8.81
N GLY A 39 9.26 1.48 -8.67
CA GLY A 39 8.41 1.77 -9.82
C GLY A 39 7.42 2.88 -9.51
N THR A 40 6.61 3.28 -10.50
CA THR A 40 5.60 4.35 -10.36
C THR A 40 6.18 5.66 -9.79
N GLY A 41 7.49 5.85 -9.93
CA GLY A 41 8.14 7.01 -9.36
C GLY A 41 8.36 6.84 -7.87
N HIS A 42 7.73 5.82 -7.32
CA HIS A 42 7.87 5.45 -5.94
C HIS A 42 8.47 4.05 -5.88
N TYR A 43 7.90 3.16 -5.12
CA TYR A 43 8.49 1.80 -4.96
C TYR A 43 7.61 0.72 -5.65
N LEU A 44 7.62 -0.53 -5.16
CA LEU A 44 6.76 -1.58 -5.70
C LEU A 44 6.45 -2.65 -4.67
N CYS A 45 5.24 -2.63 -4.21
CA CYS A 45 4.69 -3.68 -3.40
C CYS A 45 3.61 -4.27 -4.23
N ASN A 46 3.49 -5.56 -4.29
CA ASN A 46 2.53 -6.14 -5.19
C ASN A 46 1.17 -5.59 -4.87
N ALA A 47 0.86 -5.49 -3.61
CA ALA A 47 -0.43 -4.97 -3.17
C ALA A 47 -0.84 -3.72 -3.89
N CYS A 48 -0.06 -2.67 -3.69
CA CYS A 48 -0.31 -1.42 -4.36
C CYS A 48 -0.23 -1.65 -5.86
N GLY A 49 0.78 -2.44 -6.21
CA GLY A 49 1.00 -2.84 -7.59
C GLY A 49 -0.22 -3.52 -8.21
N LEU A 50 -0.96 -4.18 -7.34
CA LEU A 50 -2.16 -4.93 -7.64
C LEU A 50 -3.30 -3.97 -7.56
N TYR A 51 -3.14 -3.04 -6.65
CA TYR A 51 -4.05 -1.94 -6.57
C TYR A 51 -3.95 -1.11 -7.83
N HIS A 52 -2.85 -1.25 -8.53
CA HIS A 52 -2.64 -0.60 -9.81
C HIS A 52 -3.37 -1.32 -10.92
N LYS A 53 -3.29 -2.60 -10.81
CA LYS A 53 -3.83 -3.54 -11.77
C LYS A 53 -5.28 -3.28 -12.15
N MET A 54 -6.15 -3.58 -11.21
CA MET A 54 -7.58 -3.52 -11.45
C MET A 54 -8.19 -2.34 -10.71
N ASN A 55 -7.49 -1.88 -9.69
CA ASN A 55 -7.97 -0.78 -8.90
C ASN A 55 -7.42 0.55 -9.40
N GLY A 56 -6.31 0.44 -10.14
CA GLY A 56 -5.64 1.61 -10.69
C GLY A 56 -5.26 2.65 -9.65
N GLN A 57 -5.04 2.16 -8.44
CA GLN A 57 -4.68 2.98 -7.28
C GLN A 57 -3.36 3.69 -7.48
N ASN A 58 -2.49 3.02 -8.21
CA ASN A 58 -1.15 3.48 -8.45
C ASN A 58 -0.71 2.99 -9.83
N ARG A 59 0.49 3.36 -10.29
CA ARG A 59 0.89 3.05 -11.65
C ARG A 59 2.32 2.52 -11.80
N PRO A 60 2.74 1.50 -11.02
CA PRO A 60 4.02 0.86 -11.21
C PRO A 60 3.88 -0.43 -12.05
N LEU A 61 4.22 -1.61 -11.51
CA LEU A 61 4.17 -2.83 -12.32
C LEU A 61 4.17 -4.10 -11.46
N ILE A 62 3.60 -3.98 -10.24
CA ILE A 62 3.45 -5.08 -9.29
C ILE A 62 4.77 -5.79 -8.93
N LYS A 63 4.90 -6.16 -7.64
CA LYS A 63 6.02 -6.97 -7.18
C LYS A 63 5.85 -7.34 -5.71
ZN ZN B . 1.58 -1.16 -0.91
N MET A 1 -15.36 5.96 7.38
CA MET A 1 -14.21 5.73 8.31
C MET A 1 -12.87 5.89 7.60
N ALA A 2 -12.92 6.06 6.27
CA ALA A 2 -11.71 6.14 5.45
C ALA A 2 -10.78 7.25 5.90
N HIS A 3 -9.50 7.08 5.61
CA HIS A 3 -8.48 8.04 6.00
C HIS A 3 -8.45 9.20 5.01
N HIS A 4 -9.12 10.28 5.37
CA HIS A 4 -9.23 11.44 4.48
C HIS A 4 -8.04 12.38 4.61
N HIS A 5 -7.11 12.25 3.67
CA HIS A 5 -5.98 13.17 3.54
C HIS A 5 -5.48 13.12 2.11
N HIS A 6 -5.11 11.93 1.67
CA HIS A 6 -4.82 11.67 0.27
C HIS A 6 -5.52 10.38 -0.13
N HIS A 7 -6.15 10.39 -1.29
CA HIS A 7 -7.02 9.29 -1.69
C HIS A 7 -6.23 8.04 -2.09
N HIS A 8 -5.72 7.33 -1.09
CA HIS A 8 -5.08 6.04 -1.29
C HIS A 8 -5.20 5.21 -0.02
N SER A 9 -6.22 4.37 0.06
CA SER A 9 -6.47 3.56 1.25
C SER A 9 -7.39 2.40 0.94
N SER A 10 -7.03 1.22 1.46
CA SER A 10 -7.93 0.11 1.47
C SER A 10 -9.23 0.53 2.10
N GLY A 11 -9.17 0.75 3.39
CA GLY A 11 -10.20 1.47 4.06
C GLY A 11 -9.55 2.57 4.82
N LEU A 12 -8.40 2.23 5.38
CA LEU A 12 -7.61 3.15 6.14
C LEU A 12 -6.24 3.32 5.53
N GLU A 13 -5.80 2.23 4.96
CA GLU A 13 -4.43 2.03 4.55
C GLU A 13 -4.37 0.75 3.72
N VAL A 14 -4.05 -0.35 4.38
CA VAL A 14 -4.37 -1.68 3.89
C VAL A 14 -5.59 -2.12 4.68
N LEU A 15 -6.17 -1.12 5.34
CA LEU A 15 -7.24 -1.30 6.29
C LEU A 15 -6.83 -2.34 7.34
N PHE A 16 -5.57 -2.27 7.77
CA PHE A 16 -5.02 -3.29 8.66
C PHE A 16 -3.64 -2.91 9.17
N GLN A 17 -2.65 -2.97 8.30
CA GLN A 17 -1.28 -2.71 8.71
C GLN A 17 -0.85 -1.30 8.37
N GLY A 18 -0.79 -0.48 9.39
CA GLY A 18 -0.13 0.78 9.28
C GLY A 18 -0.68 1.81 10.22
N PRO A 19 -0.02 2.95 10.31
CA PRO A 19 -0.53 4.15 10.90
C PRO A 19 -1.18 5.09 9.89
N GLU A 20 -1.67 4.50 8.81
CA GLU A 20 -2.43 5.22 7.79
C GLU A 20 -1.63 6.32 7.13
N GLY A 21 -0.35 6.19 7.26
CA GLY A 21 0.54 7.17 6.64
C GLY A 21 2.02 6.94 6.86
N ARG A 22 2.38 5.73 7.19
CA ARG A 22 3.76 5.30 7.11
C ARG A 22 3.70 4.18 6.10
N GLU A 23 2.57 4.18 5.41
CA GLU A 23 2.19 3.19 4.45
C GLU A 23 3.09 3.34 3.22
N CYS A 24 2.86 2.60 2.13
CA CYS A 24 3.81 2.64 1.05
C CYS A 24 3.66 3.97 0.32
N VAL A 25 3.68 3.92 -0.98
CA VAL A 25 3.24 5.03 -1.80
C VAL A 25 1.73 5.18 -1.71
N ASN A 26 1.04 4.04 -1.67
CA ASN A 26 -0.36 4.01 -1.90
C ASN A 26 -1.15 3.20 -0.89
N CYS A 27 -0.51 2.27 -0.22
CA CYS A 27 -1.27 1.26 0.49
C CYS A 27 -0.85 1.05 1.94
N GLY A 28 0.33 0.53 2.17
CA GLY A 28 0.65 0.11 3.50
C GLY A 28 1.98 -0.54 3.58
N ALA A 29 2.97 0.26 3.35
CA ALA A 29 4.34 -0.14 3.58
C ALA A 29 4.67 -0.32 5.04
N THR A 30 5.14 0.75 5.65
CA THR A 30 5.70 0.73 6.99
C THR A 30 6.84 -0.31 7.08
N ALA A 31 7.51 -0.51 5.92
CA ALA A 31 8.63 -1.45 5.83
C ALA A 31 9.47 -1.12 4.58
N THR A 32 9.37 -1.92 3.51
CA THR A 32 10.01 -1.60 2.21
C THR A 32 9.29 -2.24 0.99
N PRO A 33 7.97 -2.12 0.88
CA PRO A 33 7.18 -2.68 -0.23
C PRO A 33 6.97 -1.72 -1.46
N LEU A 34 5.99 -0.79 -1.40
CA LEU A 34 5.65 0.10 -2.55
C LEU A 34 5.92 1.51 -2.06
N TRP A 35 6.85 1.53 -1.18
CA TRP A 35 7.14 2.62 -0.30
C TRP A 35 8.00 3.65 -0.96
N ARG A 36 9.21 3.24 -1.24
CA ARG A 36 10.18 4.13 -1.86
C ARG A 36 11.26 3.41 -2.69
N ARG A 37 11.38 3.83 -3.95
CA ARG A 37 12.46 3.43 -4.89
C ARG A 37 12.24 2.05 -5.53
N ASP A 38 11.51 2.04 -6.65
CA ASP A 38 11.39 0.88 -7.53
C ASP A 38 10.55 1.24 -8.76
N GLY A 39 9.27 1.54 -8.53
CA GLY A 39 8.36 1.88 -9.60
C GLY A 39 7.39 2.98 -9.20
N THR A 40 6.58 3.46 -10.16
CA THR A 40 5.57 4.52 -9.93
C THR A 40 6.16 5.78 -9.27
N GLY A 41 7.46 5.96 -9.38
CA GLY A 41 8.12 7.06 -8.72
C GLY A 41 8.51 6.71 -7.30
N HIS A 42 7.80 5.72 -6.75
CA HIS A 42 8.08 5.21 -5.44
C HIS A 42 8.65 3.82 -5.54
N TYR A 43 8.01 2.84 -4.93
CA TYR A 43 8.59 1.47 -4.85
C TYR A 43 7.70 0.45 -5.59
N LEU A 44 7.63 -0.80 -5.11
CA LEU A 44 6.75 -1.80 -5.73
C LEU A 44 6.38 -2.92 -4.76
N CYS A 45 5.34 -2.71 -3.99
CA CYS A 45 4.68 -3.79 -3.31
C CYS A 45 3.58 -4.24 -4.24
N ASN A 46 3.50 -5.54 -4.50
CA ASN A 46 2.52 -6.04 -5.45
C ASN A 46 1.16 -5.55 -5.07
N ALA A 47 0.88 -5.52 -3.79
CA ALA A 47 -0.41 -5.08 -3.31
C ALA A 47 -0.83 -3.79 -3.93
N CYS A 48 -0.01 -2.77 -3.68
CA CYS A 48 -0.21 -1.50 -4.31
C CYS A 48 -0.17 -1.69 -5.82
N GLY A 49 0.82 -2.46 -6.25
CA GLY A 49 1.02 -2.73 -7.67
C GLY A 49 -0.15 -3.49 -8.29
N LEU A 50 -1.02 -3.94 -7.40
CA LEU A 50 -2.22 -4.70 -7.69
C LEU A 50 -3.35 -3.73 -7.54
N TYR A 51 -3.15 -2.83 -6.63
CA TYR A 51 -4.00 -1.69 -6.55
C TYR A 51 -3.94 -0.94 -7.86
N HIS A 52 -2.78 -0.93 -8.47
CA HIS A 52 -2.61 -0.48 -9.85
C HIS A 52 -3.42 -1.30 -10.85
N LYS A 53 -3.41 -2.56 -10.60
CA LYS A 53 -3.94 -3.57 -11.51
C LYS A 53 -5.41 -3.39 -11.82
N MET A 54 -6.20 -3.81 -10.87
CA MET A 54 -7.63 -3.89 -11.06
C MET A 54 -8.28 -2.71 -10.40
N ASN A 55 -7.56 -2.13 -9.45
CA ASN A 55 -8.07 -0.99 -8.73
C ASN A 55 -7.64 0.30 -9.41
N GLY A 56 -6.56 0.20 -10.18
CA GLY A 56 -6.00 1.35 -10.88
C GLY A 56 -5.59 2.47 -9.94
N GLN A 57 -5.40 2.08 -8.67
CA GLN A 57 -5.05 2.98 -7.59
C GLN A 57 -3.83 3.81 -7.93
N ASN A 58 -2.84 3.09 -8.39
CA ASN A 58 -1.56 3.64 -8.63
C ASN A 58 -0.98 3.10 -9.94
N ARG A 59 0.24 3.47 -10.29
CA ARG A 59 0.77 3.14 -11.61
C ARG A 59 2.25 2.73 -11.59
N PRO A 60 2.65 1.68 -10.84
CA PRO A 60 3.98 1.13 -10.91
C PRO A 60 4.06 -0.08 -11.87
N LEU A 61 4.27 -1.30 -11.36
CA LEU A 61 4.44 -2.46 -12.25
C LEU A 61 4.39 -3.80 -11.49
N ILE A 62 3.70 -3.78 -10.34
CA ILE A 62 3.53 -4.95 -9.42
C ILE A 62 4.84 -5.64 -9.01
N LYS A 63 4.80 -6.33 -7.86
CA LYS A 63 5.92 -7.13 -7.41
C LYS A 63 5.53 -7.97 -6.20
ZN ZN B . 1.65 -1.21 -0.78
N MET A 1 -13.80 4.75 11.43
CA MET A 1 -14.41 3.77 10.51
C MET A 1 -13.96 2.36 10.83
N ALA A 2 -12.98 2.22 11.71
CA ALA A 2 -12.46 0.91 12.07
C ALA A 2 -12.27 0.80 13.57
N HIS A 3 -13.38 0.87 14.30
CA HIS A 3 -13.38 0.77 15.77
C HIS A 3 -12.69 1.98 16.39
N HIS A 4 -13.24 3.15 16.13
CA HIS A 4 -12.75 4.42 16.69
C HIS A 4 -11.37 4.77 16.13
N HIS A 5 -10.78 5.84 16.65
CA HIS A 5 -9.48 6.28 16.19
C HIS A 5 -8.39 5.75 17.11
N HIS A 6 -7.60 4.82 16.61
CA HIS A 6 -6.58 4.14 17.39
C HIS A 6 -5.30 3.96 16.57
N HIS A 7 -4.17 3.89 17.26
CA HIS A 7 -2.89 3.71 16.59
C HIS A 7 -2.41 2.26 16.69
N HIS A 8 -2.92 1.53 17.66
CA HIS A 8 -2.61 0.12 17.81
C HIS A 8 -3.48 -0.70 16.87
N SER A 9 -2.93 -1.80 16.35
CA SER A 9 -3.61 -2.66 15.38
C SER A 9 -3.61 -2.00 14.00
N SER A 10 -3.43 -2.79 12.95
CA SER A 10 -3.31 -2.32 11.61
C SER A 10 -4.61 -1.73 11.05
N GLY A 11 -5.64 -1.67 11.89
CA GLY A 11 -6.94 -1.14 11.55
C GLY A 11 -6.96 0.34 11.24
N LEU A 12 -6.04 0.74 10.39
CA LEU A 12 -5.89 2.11 9.98
C LEU A 12 -5.67 2.17 8.48
N GLU A 13 -4.53 1.66 8.07
CA GLU A 13 -4.13 1.62 6.67
C GLU A 13 -5.05 0.72 5.84
N VAL A 14 -4.98 -0.57 6.12
CA VAL A 14 -5.67 -1.60 5.37
C VAL A 14 -6.25 -2.61 6.35
N LEU A 15 -6.22 -2.23 7.63
CA LEU A 15 -6.58 -3.09 8.72
C LEU A 15 -5.87 -4.43 8.59
N PHE A 16 -4.65 -4.41 8.04
CA PHE A 16 -3.97 -5.63 7.70
C PHE A 16 -2.50 -5.62 8.13
N GLN A 17 -1.68 -4.77 7.51
CA GLN A 17 -0.25 -4.87 7.69
C GLN A 17 0.47 -3.52 7.88
N GLY A 18 -0.16 -2.61 8.57
CA GLY A 18 0.52 -1.36 8.89
C GLY A 18 -0.21 -0.50 9.90
N PRO A 19 0.51 0.49 10.43
CA PRO A 19 0.04 1.41 11.46
C PRO A 19 -0.24 2.79 10.91
N GLU A 20 -0.12 2.84 9.60
CA GLU A 20 0.11 4.04 8.81
C GLU A 20 1.07 5.01 9.44
N GLY A 21 1.97 5.40 8.62
CA GLY A 21 3.03 6.24 9.04
C GLY A 21 4.36 5.83 8.46
N ARG A 22 4.62 4.55 8.59
CA ARG A 22 5.80 3.95 7.99
C ARG A 22 5.28 3.22 6.80
N GLU A 23 4.04 3.57 6.51
CA GLU A 23 3.29 2.96 5.44
C GLU A 23 3.89 3.31 4.09
N CYS A 24 3.42 2.65 3.05
CA CYS A 24 4.05 2.78 1.78
C CYS A 24 3.61 4.10 1.13
N VAL A 25 3.70 4.14 -0.18
CA VAL A 25 3.17 5.22 -0.96
C VAL A 25 1.64 5.30 -0.84
N ASN A 26 0.94 4.18 -1.07
CA ASN A 26 -0.51 4.22 -1.16
C ASN A 26 -1.23 3.36 -0.15
N CYS A 27 -0.60 2.30 0.30
CA CYS A 27 -1.38 1.19 0.78
C CYS A 27 -0.82 0.47 2.05
N GLY A 28 0.26 0.95 2.66
CA GLY A 28 0.57 0.47 4.02
C GLY A 28 2.04 0.16 4.34
N ALA A 29 2.84 -0.20 3.32
CA ALA A 29 4.25 -0.65 3.48
C ALA A 29 4.62 -1.26 4.82
N THR A 30 5.51 -0.55 5.52
CA THR A 30 6.26 -1.11 6.63
C THR A 30 6.86 -2.47 6.27
N ALA A 31 7.16 -2.67 4.97
CA ALA A 31 7.69 -3.97 4.53
C ALA A 31 8.42 -3.88 3.20
N THR A 32 9.15 -2.78 3.00
CA THR A 32 9.91 -2.52 1.76
C THR A 32 9.12 -2.85 0.47
N PRO A 33 7.86 -2.38 0.35
CA PRO A 33 6.99 -2.68 -0.75
C PRO A 33 6.85 -1.56 -1.82
N LEU A 34 5.91 -0.62 -1.63
CA LEU A 34 5.54 0.39 -2.66
C LEU A 34 5.62 1.74 -2.03
N TRP A 35 6.79 2.25 -1.82
CA TRP A 35 6.93 3.54 -1.21
C TRP A 35 8.24 4.20 -1.53
N ARG A 36 9.32 3.46 -1.37
CA ARG A 36 10.63 4.06 -1.46
C ARG A 36 11.03 4.31 -2.92
N ARG A 37 11.62 3.31 -3.61
CA ARG A 37 11.98 3.46 -5.02
C ARG A 37 12.06 2.11 -5.74
N ASP A 38 11.32 2.00 -6.84
CA ASP A 38 11.27 0.81 -7.69
C ASP A 38 10.44 1.09 -8.93
N GLY A 39 9.19 1.46 -8.71
CA GLY A 39 8.28 1.78 -9.79
C GLY A 39 7.33 2.90 -9.42
N THR A 40 6.54 3.39 -10.38
CA THR A 40 5.55 4.46 -10.17
C THR A 40 6.18 5.73 -9.57
N GLY A 41 7.50 5.86 -9.69
CA GLY A 41 8.20 6.97 -9.07
C GLY A 41 8.53 6.67 -7.63
N HIS A 42 7.77 5.76 -7.06
CA HIS A 42 7.98 5.29 -5.69
C HIS A 42 8.53 3.89 -5.73
N TYR A 43 7.95 2.97 -4.99
CA TYR A 43 8.51 1.59 -4.92
C TYR A 43 7.55 0.61 -5.63
N LEU A 44 7.49 -0.67 -5.21
CA LEU A 44 6.57 -1.62 -5.82
C LEU A 44 6.07 -2.70 -4.87
N CYS A 45 5.06 -2.36 -4.08
CA CYS A 45 4.17 -3.35 -3.51
C CYS A 45 3.57 -4.08 -4.69
N ASN A 46 3.43 -5.37 -4.61
CA ASN A 46 2.52 -6.01 -5.52
C ASN A 46 1.16 -5.55 -5.14
N ALA A 47 1.01 -5.21 -3.88
CA ALA A 47 -0.26 -4.78 -3.33
C ALA A 47 -0.77 -3.51 -3.95
N CYS A 48 -0.03 -2.43 -3.75
CA CYS A 48 -0.30 -1.20 -4.45
C CYS A 48 -0.29 -1.47 -5.92
N GLY A 49 0.77 -2.19 -6.30
CA GLY A 49 0.91 -2.68 -7.65
C GLY A 49 -0.35 -3.40 -8.15
N LEU A 50 -1.07 -3.97 -7.19
CA LEU A 50 -2.29 -4.74 -7.41
C LEU A 50 -3.43 -3.79 -7.36
N TYR A 51 -3.27 -2.83 -6.50
CA TYR A 51 -4.14 -1.73 -6.49
C TYR A 51 -4.05 -1.01 -7.80
N HIS A 52 -3.01 -1.29 -8.54
CA HIS A 52 -2.79 -0.72 -9.85
C HIS A 52 -3.31 -1.64 -10.94
N LYS A 53 -3.43 -2.87 -10.56
CA LYS A 53 -3.85 -3.95 -11.43
C LYS A 53 -5.27 -3.76 -11.91
N MET A 54 -6.17 -3.94 -10.99
CA MET A 54 -7.60 -3.90 -11.27
C MET A 54 -8.18 -2.63 -10.72
N ASN A 55 -7.48 -2.05 -9.74
CA ASN A 55 -7.97 -0.85 -9.10
C ASN A 55 -7.40 0.40 -9.74
N GLY A 56 -6.25 0.22 -10.39
CA GLY A 56 -5.57 1.33 -11.05
C GLY A 56 -5.18 2.47 -10.10
N GLN A 57 -5.11 2.14 -8.82
CA GLN A 57 -4.71 3.05 -7.74
C GLN A 57 -3.39 3.73 -8.07
N ASN A 58 -2.36 2.94 -7.97
CA ASN A 58 -1.02 3.35 -8.27
C ASN A 58 -0.67 2.96 -9.70
N ARG A 59 0.54 3.24 -10.17
CA ARG A 59 0.89 2.91 -11.56
C ARG A 59 2.35 2.51 -11.74
N PRO A 60 2.84 1.49 -11.02
CA PRO A 60 4.19 0.97 -11.19
C PRO A 60 4.26 -0.26 -12.12
N LEU A 61 4.34 -1.48 -11.57
CA LEU A 61 4.46 -2.68 -12.41
C LEU A 61 4.29 -4.01 -11.62
N ILE A 62 3.64 -3.92 -10.45
CA ILE A 62 3.45 -5.03 -9.52
C ILE A 62 4.75 -5.79 -9.13
N LYS A 63 4.80 -6.26 -7.89
CA LYS A 63 5.99 -6.96 -7.38
C LYS A 63 5.70 -7.63 -6.05
ZN ZN B . 1.48 -0.25 -0.97
N MET A 1 -9.58 -10.07 14.04
CA MET A 1 -8.19 -9.81 14.49
C MET A 1 -7.38 -9.19 13.36
N ALA A 2 -7.00 -7.93 13.53
CA ALA A 2 -6.25 -7.21 12.52
C ALA A 2 -4.75 -7.42 12.71
N HIS A 3 -4.30 -7.28 13.95
CA HIS A 3 -2.88 -7.34 14.25
C HIS A 3 -2.67 -7.86 15.67
N HIS A 4 -1.51 -8.44 15.92
CA HIS A 4 -1.15 -8.89 17.27
C HIS A 4 -1.24 -7.73 18.25
N HIS A 5 -1.70 -8.03 19.46
CA HIS A 5 -1.90 -7.00 20.48
C HIS A 5 -0.57 -6.64 21.14
N HIS A 6 0.34 -6.11 20.34
CA HIS A 6 1.62 -5.63 20.82
C HIS A 6 1.88 -4.24 20.24
N HIS A 7 2.00 -4.17 18.92
CA HIS A 7 2.06 -2.90 18.23
C HIS A 7 0.74 -2.66 17.51
N HIS A 8 -0.08 -1.80 18.10
CA HIS A 8 -1.41 -1.57 17.57
C HIS A 8 -1.37 -0.69 16.33
N SER A 9 -1.40 -1.33 15.17
CA SER A 9 -1.48 -0.62 13.90
C SER A 9 -2.93 -0.34 13.54
N SER A 10 -3.52 -1.26 12.76
CA SER A 10 -4.92 -1.22 12.37
C SER A 10 -5.38 0.22 12.11
N GLY A 11 -4.82 0.82 11.08
CA GLY A 11 -5.17 2.18 10.76
C GLY A 11 -5.77 2.25 9.38
N LEU A 12 -6.44 1.17 9.04
CA LEU A 12 -7.03 0.93 7.73
C LEU A 12 -6.26 1.52 6.58
N GLU A 13 -4.98 1.28 6.66
CA GLU A 13 -4.11 1.40 5.52
C GLU A 13 -4.38 0.14 4.71
N VAL A 14 -4.52 -0.90 5.50
CA VAL A 14 -4.76 -2.25 5.11
C VAL A 14 -5.46 -2.89 6.31
N LEU A 15 -5.66 -2.04 7.33
CA LEU A 15 -6.13 -2.43 8.65
C LEU A 15 -5.32 -3.62 9.16
N PHE A 16 -4.01 -3.57 8.98
CA PHE A 16 -3.20 -4.76 9.18
C PHE A 16 -1.82 -4.43 9.76
N GLN A 17 -0.93 -3.86 8.95
CA GLN A 17 0.48 -3.80 9.33
C GLN A 17 1.05 -2.40 9.37
N GLY A 18 0.18 -1.43 9.39
CA GLY A 18 0.62 -0.07 9.35
C GLY A 18 -0.12 0.84 10.31
N PRO A 19 0.58 1.84 10.80
CA PRO A 19 0.02 2.96 11.55
C PRO A 19 -0.52 4.04 10.63
N GLU A 20 -0.89 3.58 9.43
CA GLU A 20 -1.53 4.37 8.35
C GLU A 20 -0.72 5.56 7.90
N GLY A 21 0.40 5.65 8.49
CA GLY A 21 1.32 6.72 8.18
C GLY A 21 2.75 6.27 8.05
N ARG A 22 2.93 4.97 7.97
CA ARG A 22 4.19 4.38 7.60
C ARG A 22 3.89 3.43 6.48
N GLU A 23 2.70 3.63 5.95
CA GLU A 23 2.13 2.81 4.91
C GLU A 23 2.97 2.98 3.65
N CYS A 24 2.67 2.32 2.55
CA CYS A 24 3.52 2.47 1.41
C CYS A 24 3.24 3.84 0.81
N VAL A 25 3.55 3.97 -0.43
CA VAL A 25 3.17 5.14 -1.16
C VAL A 25 1.66 5.28 -1.20
N ASN A 26 0.94 4.14 -1.34
CA ASN A 26 -0.49 4.19 -1.46
C ASN A 26 -1.21 3.32 -0.47
N CYS A 27 -0.52 2.35 0.09
CA CYS A 27 -1.27 1.25 0.66
C CYS A 27 -0.89 0.86 2.09
N GLY A 28 0.28 0.28 2.32
CA GLY A 28 0.56 -0.19 3.66
C GLY A 28 1.89 -0.89 3.79
N ALA A 29 2.90 -0.13 3.49
CA ALA A 29 4.28 -0.57 3.56
C ALA A 29 4.78 -0.93 4.95
N THR A 30 5.41 0.06 5.57
CA THR A 30 6.20 -0.10 6.78
C THR A 30 7.29 -1.19 6.64
N ALA A 31 7.66 -1.56 5.40
CA ALA A 31 8.65 -2.66 5.19
C ALA A 31 9.21 -2.70 3.76
N THR A 32 9.57 -1.52 3.24
CA THR A 32 10.09 -1.32 1.85
C THR A 32 9.30 -2.01 0.70
N PRO A 33 7.97 -1.89 0.69
CA PRO A 33 7.09 -2.25 -0.42
C PRO A 33 6.33 -1.04 -1.00
N LEU A 34 6.51 -0.71 -2.28
CA LEU A 34 5.73 0.36 -2.95
C LEU A 34 5.69 1.60 -2.06
N TRP A 35 6.79 1.79 -1.40
CA TRP A 35 6.98 2.70 -0.30
C TRP A 35 7.90 3.82 -0.73
N ARG A 36 9.13 3.44 -1.01
CA ARG A 36 10.17 4.38 -1.35
C ARG A 36 10.96 3.99 -2.60
N ARG A 37 10.57 4.59 -3.75
CA ARG A 37 11.35 4.53 -5.01
C ARG A 37 11.46 3.13 -5.64
N ASP A 38 10.96 2.99 -6.88
CA ASP A 38 11.20 1.78 -7.69
C ASP A 38 10.62 1.91 -9.10
N GLY A 39 9.30 1.81 -9.19
CA GLY A 39 8.65 1.71 -10.49
C GLY A 39 7.71 2.86 -10.82
N THR A 40 6.80 3.18 -9.91
CA THR A 40 5.78 4.20 -10.17
C THR A 40 6.27 5.60 -9.79
N GLY A 41 7.58 5.79 -9.89
CA GLY A 41 8.19 6.94 -9.28
C GLY A 41 8.44 6.65 -7.82
N HIS A 42 7.60 5.78 -7.28
CA HIS A 42 7.78 5.25 -5.96
C HIS A 42 8.01 3.74 -6.09
N TYR A 43 7.86 2.99 -5.02
CA TYR A 43 8.46 1.65 -4.94
C TYR A 43 7.55 0.58 -5.60
N LEU A 44 7.69 -0.68 -5.18
CA LEU A 44 6.80 -1.74 -5.62
C LEU A 44 6.45 -2.68 -4.49
N CYS A 45 5.17 -2.77 -4.25
CA CYS A 45 4.58 -3.77 -3.39
C CYS A 45 3.44 -4.27 -4.21
N ASN A 46 3.40 -5.58 -4.39
CA ASN A 46 2.44 -6.16 -5.29
C ASN A 46 1.06 -5.73 -4.94
N ALA A 47 0.82 -5.51 -3.69
CA ALA A 47 -0.48 -5.08 -3.23
C ALA A 47 -0.90 -3.80 -3.86
N CYS A 48 -0.10 -2.78 -3.65
CA CYS A 48 -0.31 -1.51 -4.29
C CYS A 48 -0.28 -1.70 -5.79
N GLY A 49 0.72 -2.48 -6.19
CA GLY A 49 0.90 -2.84 -7.58
C GLY A 49 -0.32 -3.55 -8.17
N LEU A 50 -1.01 -4.25 -7.30
CA LEU A 50 -2.22 -4.99 -7.58
C LEU A 50 -3.33 -3.99 -7.57
N TYR A 51 -3.18 -3.08 -6.65
CA TYR A 51 -4.07 -1.98 -6.54
C TYR A 51 -3.89 -1.06 -7.72
N HIS A 52 -2.89 -1.35 -8.50
CA HIS A 52 -2.61 -0.63 -9.73
C HIS A 52 -3.26 -1.33 -10.91
N LYS A 53 -3.43 -2.59 -10.72
CA LYS A 53 -3.94 -3.49 -11.73
C LYS A 53 -5.39 -3.22 -12.05
N MET A 54 -6.22 -3.59 -11.10
CA MET A 54 -7.66 -3.53 -11.25
C MET A 54 -8.21 -2.34 -10.51
N ASN A 55 -7.43 -1.85 -9.55
CA ASN A 55 -7.87 -0.73 -8.74
C ASN A 55 -7.29 0.55 -9.30
N GLY A 56 -6.21 0.38 -10.07
CA GLY A 56 -5.59 1.45 -10.80
C GLY A 56 -5.20 2.65 -9.96
N GLN A 57 -4.92 2.45 -8.67
CA GLN A 57 -4.53 3.56 -7.80
C GLN A 57 -3.12 4.05 -8.12
N ASN A 58 -2.19 3.13 -8.00
CA ASN A 58 -0.78 3.38 -8.21
C ASN A 58 -0.39 3.10 -9.65
N ARG A 59 0.80 3.53 -10.08
CA ARG A 59 1.20 3.40 -11.49
C ARG A 59 2.54 2.65 -11.71
N PRO A 60 2.86 1.58 -10.95
CA PRO A 60 4.08 0.82 -11.14
C PRO A 60 3.81 -0.50 -11.90
N LEU A 61 4.35 -1.64 -11.43
CA LEU A 61 4.40 -2.85 -12.28
C LEU A 61 4.27 -4.14 -11.47
N ILE A 62 3.64 -4.05 -10.29
CA ILE A 62 3.41 -5.16 -9.36
C ILE A 62 4.70 -5.93 -8.97
N LYS A 63 4.75 -6.37 -7.71
CA LYS A 63 5.90 -7.12 -7.20
C LYS A 63 5.61 -7.70 -5.83
ZN ZN B . 1.50 -1.27 -0.78
N MET A 1 -12.51 -3.37 11.01
CA MET A 1 -11.38 -2.65 10.42
C MET A 1 -11.57 -2.49 8.91
N ALA A 2 -11.33 -1.28 8.42
CA ALA A 2 -11.45 -0.97 6.99
C ALA A 2 -12.86 -1.22 6.48
N HIS A 3 -13.83 -0.52 7.06
CA HIS A 3 -15.21 -0.61 6.59
C HIS A 3 -15.40 0.28 5.36
N HIS A 4 -16.33 -0.11 4.50
CA HIS A 4 -16.58 0.63 3.27
C HIS A 4 -18.08 0.83 3.06
N HIS A 5 -18.46 2.05 2.72
CA HIS A 5 -19.85 2.41 2.46
C HIS A 5 -19.93 3.86 2.03
N HIS A 6 -19.39 4.73 2.87
CA HIS A 6 -19.32 6.15 2.56
C HIS A 6 -17.93 6.67 2.88
N HIS A 7 -17.35 6.12 3.93
CA HIS A 7 -15.98 6.45 4.30
C HIS A 7 -15.18 5.15 4.30
N HIS A 8 -14.10 5.10 3.52
CA HIS A 8 -13.33 3.87 3.34
C HIS A 8 -12.43 3.60 4.56
N SER A 9 -12.76 4.24 5.67
CA SER A 9 -11.96 4.20 6.89
C SER A 9 -10.61 4.88 6.68
N SER A 10 -9.93 5.18 7.78
CA SER A 10 -8.64 5.78 7.74
C SER A 10 -8.07 5.88 9.15
N GLY A 11 -7.84 4.72 9.77
CA GLY A 11 -7.21 4.70 11.05
C GLY A 11 -5.77 4.36 10.89
N LEU A 12 -5.50 3.61 9.84
CA LEU A 12 -4.19 3.09 9.59
C LEU A 12 -3.65 3.43 8.21
N GLU A 13 -3.90 2.54 7.27
CA GLU A 13 -3.34 2.63 5.93
C GLU A 13 -4.10 1.66 5.04
N VAL A 14 -4.11 0.39 5.45
CA VAL A 14 -5.07 -0.57 4.96
C VAL A 14 -6.18 -0.64 6.00
N LEU A 15 -6.15 0.38 6.85
CA LEU A 15 -7.00 0.51 8.01
C LEU A 15 -7.19 -0.85 8.69
N PHE A 16 -6.06 -1.57 8.84
CA PHE A 16 -6.07 -2.95 9.27
C PHE A 16 -4.71 -3.39 9.83
N GLN A 17 -3.65 -3.27 9.00
CA GLN A 17 -2.36 -3.91 9.32
C GLN A 17 -1.19 -2.94 9.36
N GLY A 18 -1.41 -1.71 9.75
CA GLY A 18 -0.37 -0.73 9.64
C GLY A 18 -0.32 0.27 10.78
N PRO A 19 0.88 0.79 11.05
CA PRO A 19 1.13 1.85 12.01
C PRO A 19 0.81 3.23 11.47
N GLU A 20 0.07 3.22 10.38
CA GLU A 20 -0.67 4.37 9.83
C GLU A 20 0.20 5.49 9.37
N GLY A 21 1.44 5.20 9.38
CA GLY A 21 2.43 6.14 8.88
C GLY A 21 3.77 5.53 8.61
N ARG A 22 3.80 4.22 8.47
CA ARG A 22 4.98 3.53 7.99
C ARG A 22 4.54 2.77 6.77
N GLU A 23 3.36 3.17 6.31
CA GLU A 23 2.65 2.55 5.22
C GLU A 23 3.41 2.74 3.92
N CYS A 24 2.88 2.27 2.78
CA CYS A 24 3.62 2.45 1.58
C CYS A 24 3.40 3.87 1.08
N VAL A 25 3.54 4.05 -0.22
CA VAL A 25 3.14 5.26 -0.87
C VAL A 25 1.63 5.38 -0.82
N ASN A 26 0.93 4.27 -1.04
CA ASN A 26 -0.50 4.31 -1.13
C ASN A 26 -1.19 3.38 -0.15
N CYS A 27 -0.49 2.38 0.33
CA CYS A 27 -1.23 1.25 0.87
C CYS A 27 -0.85 0.80 2.28
N GLY A 28 0.35 0.32 2.50
CA GLY A 28 0.66 -0.20 3.82
C GLY A 28 1.93 -1.00 3.86
N ALA A 29 2.98 -0.30 3.53
CA ALA A 29 4.34 -0.84 3.47
C ALA A 29 4.82 -1.47 4.75
N THR A 30 5.55 -0.67 5.53
CA THR A 30 6.27 -1.14 6.71
C THR A 30 7.21 -2.31 6.36
N ALA A 31 7.58 -2.43 5.09
CA ALA A 31 8.47 -3.52 4.67
C ALA A 31 9.24 -3.16 3.39
N THR A 32 8.82 -3.70 2.25
CA THR A 32 9.51 -3.47 0.99
C THR A 32 8.55 -3.53 -0.21
N PRO A 33 7.46 -2.73 -0.18
CA PRO A 33 6.45 -2.73 -1.21
C PRO A 33 6.48 -1.52 -2.17
N LEU A 34 5.56 -0.55 -1.99
CA LEU A 34 5.28 0.52 -2.98
C LEU A 34 5.26 1.81 -2.24
N TRP A 35 6.40 2.21 -1.76
CA TRP A 35 6.53 3.45 -1.07
C TRP A 35 7.74 4.23 -1.46
N ARG A 36 8.89 3.63 -1.31
CA ARG A 36 10.13 4.38 -1.48
C ARG A 36 10.37 4.72 -2.95
N ARG A 37 11.17 3.93 -3.64
CA ARG A 37 11.39 4.10 -5.08
C ARG A 37 11.58 2.74 -5.75
N ASP A 38 11.05 2.59 -6.96
CA ASP A 38 11.17 1.35 -7.72
C ASP A 38 10.53 1.48 -9.11
N GLY A 39 9.21 1.54 -9.12
CA GLY A 39 8.48 1.52 -10.37
C GLY A 39 7.79 2.83 -10.72
N THR A 40 6.80 3.17 -9.93
CA THR A 40 5.91 4.31 -10.23
C THR A 40 6.54 5.65 -9.81
N GLY A 41 7.85 5.71 -9.78
CA GLY A 41 8.51 6.88 -9.22
C GLY A 41 8.67 6.68 -7.74
N HIS A 42 7.73 5.96 -7.16
CA HIS A 42 7.88 5.42 -5.84
C HIS A 42 8.11 3.93 -5.97
N TYR A 43 7.79 3.15 -4.97
CA TYR A 43 8.30 1.78 -4.91
C TYR A 43 7.39 0.84 -5.74
N LEU A 44 7.22 -0.43 -5.36
CA LEU A 44 6.40 -1.33 -6.20
C LEU A 44 5.23 -1.96 -5.46
N CYS A 45 5.50 -2.89 -4.53
CA CYS A 45 4.43 -3.59 -3.80
C CYS A 45 3.66 -4.46 -4.78
N ASN A 46 3.27 -5.62 -4.37
CA ASN A 46 2.30 -6.31 -5.16
C ASN A 46 0.99 -5.75 -4.77
N ALA A 47 0.83 -5.40 -3.53
CA ALA A 47 -0.44 -4.90 -3.05
C ALA A 47 -0.83 -3.62 -3.72
N CYS A 48 -0.01 -2.60 -3.52
CA CYS A 48 -0.23 -1.34 -4.19
C CYS A 48 -0.13 -1.58 -5.68
N GLY A 49 0.84 -2.41 -6.04
CA GLY A 49 1.05 -2.83 -7.38
C GLY A 49 -0.21 -3.50 -7.97
N LEU A 50 -0.98 -4.09 -7.07
CA LEU A 50 -2.22 -4.80 -7.35
C LEU A 50 -3.30 -3.79 -7.34
N TYR A 51 -3.13 -2.83 -6.46
CA TYR A 51 -3.98 -1.71 -6.47
C TYR A 51 -3.82 -0.97 -7.78
N HIS A 52 -2.76 -1.28 -8.48
CA HIS A 52 -2.49 -0.71 -9.79
C HIS A 52 -3.11 -1.58 -10.88
N LYS A 53 -3.25 -2.81 -10.54
CA LYS A 53 -3.72 -3.85 -11.43
C LYS A 53 -5.12 -3.57 -11.93
N MET A 54 -6.06 -3.78 -11.04
CA MET A 54 -7.47 -3.67 -11.38
C MET A 54 -8.05 -2.43 -10.73
N ASN A 55 -7.36 -1.93 -9.72
CA ASN A 55 -7.82 -0.75 -9.03
C ASN A 55 -7.26 0.51 -9.68
N GLY A 56 -6.10 0.33 -10.32
CA GLY A 56 -5.41 1.44 -10.96
C GLY A 56 -5.07 2.58 -10.00
N GLN A 57 -4.97 2.22 -8.73
CA GLN A 57 -4.68 3.14 -7.62
C GLN A 57 -3.35 3.83 -7.82
N ASN A 58 -2.39 3.04 -8.21
CA ASN A 58 -1.04 3.48 -8.45
C ASN A 58 -0.62 3.02 -9.83
N ARG A 59 0.51 3.49 -10.36
CA ARG A 59 0.85 3.18 -11.75
C ARG A 59 2.32 2.74 -11.96
N PRO A 60 2.82 1.75 -11.19
CA PRO A 60 4.14 1.19 -11.41
C PRO A 60 4.15 -0.15 -12.15
N LEU A 61 3.97 -1.20 -11.37
CA LEU A 61 4.01 -2.58 -11.80
C LEU A 61 3.49 -3.37 -10.61
N ILE A 62 3.81 -4.65 -10.49
CA ILE A 62 3.45 -5.40 -9.32
C ILE A 62 4.64 -6.20 -8.83
N LYS A 63 4.89 -6.21 -7.52
CA LYS A 63 6.00 -6.97 -6.98
C LYS A 63 5.87 -7.16 -5.47
ZN ZN B . 1.57 -1.24 -0.70
N MET A 1 -4.89 -0.07 9.61
CA MET A 1 -4.96 0.39 11.02
C MET A 1 -6.36 0.14 11.58
N ALA A 2 -7.36 0.75 10.95
CA ALA A 2 -8.77 0.49 11.27
C ALA A 2 -9.14 0.85 12.71
N HIS A 3 -10.43 0.69 13.01
CA HIS A 3 -10.98 0.95 14.34
C HIS A 3 -10.85 2.42 14.72
N HIS A 4 -9.71 2.81 15.27
CA HIS A 4 -9.51 4.20 15.67
C HIS A 4 -8.13 4.68 15.26
N HIS A 5 -7.09 4.16 15.91
CA HIS A 5 -5.73 4.61 15.67
C HIS A 5 -4.74 3.70 16.39
N HIS A 6 -3.71 3.25 15.67
CA HIS A 6 -2.64 2.42 16.23
C HIS A 6 -3.20 1.13 16.83
N HIS A 7 -3.71 0.25 15.98
CA HIS A 7 -4.30 -1.00 16.44
C HIS A 7 -3.64 -2.19 15.77
N HIS A 8 -2.71 -1.88 14.85
CA HIS A 8 -1.96 -2.89 14.10
C HIS A 8 -2.90 -3.82 13.33
N SER A 9 -4.00 -3.26 12.83
CA SER A 9 -4.97 -4.04 12.09
C SER A 9 -4.76 -3.93 10.59
N SER A 10 -4.27 -5.00 9.99
CA SER A 10 -4.25 -5.10 8.57
C SER A 10 -5.60 -5.62 8.09
N GLY A 11 -6.56 -4.72 8.00
CA GLY A 11 -7.92 -5.08 7.66
C GLY A 11 -8.67 -3.93 7.03
N LEU A 12 -7.93 -3.06 6.39
CA LEU A 12 -8.51 -1.89 5.74
C LEU A 12 -7.77 -1.54 4.47
N GLU A 13 -6.57 -1.08 4.69
CA GLU A 13 -5.67 -0.64 3.65
C GLU A 13 -5.40 -1.74 2.64
N VAL A 14 -4.99 -2.90 3.14
CA VAL A 14 -4.56 -3.99 2.32
C VAL A 14 -5.16 -5.28 2.81
N LEU A 15 -5.67 -5.20 4.04
CA LEU A 15 -6.00 -6.34 4.83
C LEU A 15 -4.94 -7.44 4.68
N PHE A 16 -3.66 -7.05 4.56
CA PHE A 16 -2.62 -8.00 4.21
C PHE A 16 -1.22 -7.54 4.63
N GLN A 17 -0.59 -6.66 3.85
CA GLN A 17 0.84 -6.39 4.02
C GLN A 17 1.14 -5.23 4.93
N GLY A 18 0.18 -4.77 5.67
CA GLY A 18 0.42 -3.67 6.56
C GLY A 18 -0.83 -3.09 7.18
N PRO A 19 -0.66 -2.55 8.40
CA PRO A 19 -1.67 -1.84 9.16
C PRO A 19 -1.60 -0.31 9.03
N GLU A 20 -1.42 0.18 7.81
CA GLU A 20 -1.25 1.60 7.49
C GLU A 20 -0.18 2.26 8.33
N GLY A 21 0.64 1.46 8.91
CA GLY A 21 1.57 1.95 9.89
C GLY A 21 2.98 1.97 9.41
N ARG A 22 3.30 3.06 8.73
CA ARG A 22 4.56 3.24 8.00
C ARG A 22 4.35 2.56 6.69
N GLU A 23 3.10 2.69 6.27
CA GLU A 23 2.61 2.10 5.05
C GLU A 23 3.33 2.63 3.82
N CYS A 24 2.89 2.20 2.65
CA CYS A 24 3.70 2.36 1.49
C CYS A 24 3.57 3.79 0.98
N VAL A 25 3.68 3.93 -0.33
CA VAL A 25 3.29 5.13 -1.01
C VAL A 25 1.78 5.31 -0.91
N ASN A 26 1.03 4.22 -1.11
CA ASN A 26 -0.40 4.32 -1.16
C ASN A 26 -1.12 3.44 -0.15
N CYS A 27 -0.49 2.35 0.26
CA CYS A 27 -1.28 1.25 0.72
C CYS A 27 -0.96 0.77 2.13
N GLY A 28 0.22 0.21 2.39
CA GLY A 28 0.41 -0.40 3.69
C GLY A 28 1.79 -0.96 3.97
N ALA A 29 2.79 -0.33 3.39
CA ALA A 29 4.17 -0.86 3.29
C ALA A 29 4.68 -1.66 4.47
N THR A 30 5.43 -0.99 5.34
CA THR A 30 6.07 -1.61 6.49
C THR A 30 6.97 -2.81 6.13
N ALA A 31 7.45 -2.90 4.89
CA ALA A 31 8.30 -4.06 4.51
C ALA A 31 9.06 -3.86 3.20
N THR A 32 9.69 -2.69 3.03
CA THR A 32 10.34 -2.31 1.77
C THR A 32 9.50 -2.65 0.51
N PRO A 33 8.19 -2.34 0.54
CA PRO A 33 7.23 -2.70 -0.51
C PRO A 33 7.05 -1.63 -1.62
N LEU A 34 6.04 -0.75 -1.49
CA LEU A 34 5.62 0.15 -2.58
C LEU A 34 5.62 1.55 -2.04
N TRP A 35 6.70 1.98 -1.54
CA TRP A 35 6.77 3.31 -1.01
C TRP A 35 8.00 4.08 -1.41
N ARG A 36 9.16 3.56 -1.08
CA ARG A 36 10.37 4.33 -1.20
C ARG A 36 10.64 4.77 -2.65
N ARG A 37 11.14 3.86 -3.50
CA ARG A 37 11.31 4.16 -4.94
C ARG A 37 11.62 2.88 -5.71
N ASP A 38 11.05 2.76 -6.92
CA ASP A 38 11.23 1.57 -7.74
C ASP A 38 10.59 1.73 -9.11
N GLY A 39 9.27 1.68 -9.14
CA GLY A 39 8.55 1.62 -10.41
C GLY A 39 7.75 2.87 -10.72
N THR A 40 6.81 3.22 -9.85
CA THR A 40 5.86 4.30 -10.13
C THR A 40 6.44 5.65 -9.72
N GLY A 41 7.75 5.78 -9.83
CA GLY A 41 8.44 6.91 -9.24
C GLY A 41 8.67 6.63 -7.78
N HIS A 42 7.75 5.86 -7.21
CA HIS A 42 7.90 5.32 -5.90
C HIS A 42 8.14 3.81 -6.04
N TYR A 43 7.89 3.06 -5.00
CA TYR A 43 8.49 1.71 -4.89
C TYR A 43 7.59 0.64 -5.57
N LEU A 44 7.69 -0.63 -5.16
CA LEU A 44 6.81 -1.67 -5.70
C LEU A 44 6.48 -2.74 -4.67
N CYS A 45 5.26 -2.67 -4.21
CA CYS A 45 4.66 -3.73 -3.45
C CYS A 45 3.59 -4.23 -4.36
N ASN A 46 3.41 -5.53 -4.44
CA ASN A 46 2.44 -6.06 -5.35
C ASN A 46 1.08 -5.54 -5.00
N ALA A 47 0.87 -5.25 -3.73
CA ALA A 47 -0.43 -4.80 -3.25
C ALA A 47 -0.87 -3.51 -3.87
N CYS A 48 -0.08 -2.47 -3.68
CA CYS A 48 -0.34 -1.22 -4.33
C CYS A 48 -0.27 -1.46 -5.83
N GLY A 49 0.71 -2.28 -6.18
CA GLY A 49 0.89 -2.72 -7.54
C GLY A 49 -0.32 -3.48 -8.06
N LEU A 50 -1.13 -3.93 -7.12
CA LEU A 50 -2.35 -4.69 -7.35
C LEU A 50 -3.46 -3.71 -7.32
N TYR A 51 -3.29 -2.72 -6.48
CA TYR A 51 -4.15 -1.61 -6.53
C TYR A 51 -4.02 -0.94 -7.88
N HIS A 52 -2.94 -1.24 -8.55
CA HIS A 52 -2.66 -0.74 -9.89
C HIS A 52 -3.24 -1.68 -10.94
N LYS A 53 -3.47 -2.87 -10.51
CA LYS A 53 -3.93 -3.96 -11.36
C LYS A 53 -5.34 -3.73 -11.86
N MET A 54 -6.26 -3.91 -10.95
CA MET A 54 -7.67 -3.87 -11.27
C MET A 54 -8.26 -2.59 -10.72
N ASN A 55 -7.56 -2.01 -9.76
CA ASN A 55 -8.03 -0.80 -9.13
C ASN A 55 -7.47 0.42 -9.82
N GLY A 56 -6.30 0.24 -10.43
CA GLY A 56 -5.61 1.33 -11.12
C GLY A 56 -5.27 2.50 -10.20
N GLN A 57 -5.13 2.18 -8.92
CA GLN A 57 -4.78 3.14 -7.87
C GLN A 57 -3.47 3.86 -8.19
N ASN A 58 -2.44 3.05 -8.20
CA ASN A 58 -1.10 3.51 -8.47
C ASN A 58 -0.66 2.98 -9.82
N ARG A 59 0.50 3.40 -10.32
CA ARG A 59 0.94 2.94 -11.63
C ARG A 59 2.44 2.62 -11.65
N PRO A 60 2.87 1.56 -10.95
CA PRO A 60 4.19 1.01 -11.10
C PRO A 60 4.19 -0.23 -12.02
N LEU A 61 4.29 -1.46 -11.47
CA LEU A 61 4.27 -2.67 -12.30
C LEU A 61 4.18 -3.94 -11.43
N ILE A 62 3.59 -3.80 -10.23
CA ILE A 62 3.42 -4.90 -9.24
C ILE A 62 4.72 -5.66 -8.91
N LYS A 63 4.73 -6.31 -7.74
CA LYS A 63 5.84 -7.14 -7.34
C LYS A 63 5.50 -7.95 -6.11
ZN ZN B . 1.55 -1.14 -0.94
N MET A 1 -12.28 2.75 2.21
CA MET A 1 -13.52 2.38 2.92
C MET A 1 -13.98 0.99 2.50
N ALA A 2 -13.44 -0.03 3.16
CA ALA A 2 -13.72 -1.40 2.78
C ALA A 2 -13.94 -2.30 3.98
N HIS A 3 -14.30 -1.71 5.13
CA HIS A 3 -14.54 -2.51 6.33
C HIS A 3 -15.94 -3.14 6.27
N HIS A 4 -16.18 -3.91 5.22
CA HIS A 4 -17.50 -4.51 4.99
C HIS A 4 -17.58 -5.89 5.61
N HIS A 5 -16.95 -6.06 6.77
CA HIS A 5 -16.92 -7.34 7.48
C HIS A 5 -16.37 -8.45 6.59
N HIS A 6 -15.08 -8.34 6.27
CA HIS A 6 -14.39 -9.35 5.48
C HIS A 6 -13.54 -10.24 6.37
N HIS A 7 -12.91 -9.60 7.35
CA HIS A 7 -11.98 -10.28 8.25
C HIS A 7 -11.65 -9.33 9.39
N HIS A 8 -12.11 -9.64 10.61
CA HIS A 8 -11.91 -8.75 11.75
C HIS A 8 -10.43 -8.45 11.93
N SER A 9 -10.08 -7.18 11.70
CA SER A 9 -8.72 -6.70 11.72
C SER A 9 -8.71 -5.29 11.13
N SER A 10 -7.66 -5.00 10.38
CA SER A 10 -7.54 -3.81 9.56
C SER A 10 -8.86 -3.26 9.07
N GLY A 11 -9.34 -3.86 8.02
CA GLY A 11 -10.48 -3.33 7.29
C GLY A 11 -10.12 -1.96 6.75
N LEU A 12 -8.85 -1.77 6.45
CA LEU A 12 -8.34 -0.44 6.24
C LEU A 12 -7.40 -0.29 5.03
N GLU A 13 -6.11 -0.52 5.23
CA GLU A 13 -5.10 -0.11 4.26
C GLU A 13 -5.26 -0.85 2.94
N VAL A 14 -5.28 -2.17 3.05
CA VAL A 14 -5.33 -3.06 1.92
C VAL A 14 -6.21 -4.22 2.31
N LEU A 15 -6.78 -4.11 3.52
CA LEU A 15 -7.37 -5.17 4.22
C LEU A 15 -6.41 -6.37 4.32
N PHE A 16 -5.13 -6.09 4.18
CA PHE A 16 -4.09 -7.08 4.09
C PHE A 16 -2.73 -6.48 4.47
N GLN A 17 -2.12 -5.85 3.48
CA GLN A 17 -0.80 -5.31 3.54
C GLN A 17 -0.68 -4.02 4.36
N GLY A 18 -0.47 -4.15 5.65
CA GLY A 18 -0.03 -3.03 6.46
C GLY A 18 -0.85 -2.77 7.70
N PRO A 19 -0.20 -2.16 8.67
CA PRO A 19 -0.83 -1.54 9.82
C PRO A 19 -1.05 -0.02 9.65
N GLU A 20 -1.12 0.37 8.37
CA GLU A 20 -1.33 1.73 7.92
C GLU A 20 -0.94 2.78 8.89
N GLY A 21 0.27 3.15 8.66
CA GLY A 21 0.84 4.22 9.39
C GLY A 21 2.30 4.41 9.10
N ARG A 22 2.89 3.36 8.66
CA ARG A 22 4.25 3.37 8.17
C ARG A 22 4.14 2.87 6.75
N GLU A 23 2.98 3.17 6.18
CA GLU A 23 2.57 2.62 4.92
C GLU A 23 3.43 3.13 3.79
N CYS A 24 3.22 2.60 2.61
CA CYS A 24 4.10 2.83 1.50
C CYS A 24 3.74 4.17 0.87
N VAL A 25 3.96 4.26 -0.43
CA VAL A 25 3.42 5.32 -1.23
C VAL A 25 1.89 5.45 -1.07
N ASN A 26 1.13 4.35 -1.26
CA ASN A 26 -0.32 4.44 -1.28
C ASN A 26 -1.00 3.70 -0.15
N CYS A 27 -0.45 2.57 0.23
CA CYS A 27 -1.28 1.53 0.76
C CYS A 27 -0.85 0.99 2.13
N GLY A 28 0.39 0.51 2.29
CA GLY A 28 0.74 -0.11 3.55
C GLY A 28 2.10 -0.76 3.61
N ALA A 29 3.11 -0.12 3.01
CA ALA A 29 4.52 -0.60 3.05
C ALA A 29 4.90 -1.18 4.40
N THR A 30 5.34 -0.29 5.28
CA THR A 30 5.82 -0.66 6.61
C THR A 30 6.92 -1.73 6.53
N ALA A 31 7.61 -1.77 5.39
CA ALA A 31 8.70 -2.72 5.16
C ALA A 31 9.53 -2.28 3.96
N THR A 32 9.35 -2.92 2.80
CA THR A 32 9.91 -2.40 1.54
C THR A 32 9.03 -2.67 0.29
N PRO A 33 7.73 -2.40 0.37
CA PRO A 33 6.77 -2.46 -0.73
C PRO A 33 6.18 -1.11 -1.11
N LEU A 34 6.42 -0.63 -2.33
CA LEU A 34 5.81 0.62 -2.86
C LEU A 34 6.15 1.82 -1.97
N TRP A 35 6.94 1.53 -0.98
CA TRP A 35 7.50 2.48 -0.05
C TRP A 35 8.23 3.56 -0.80
N ARG A 36 9.41 3.18 -1.29
CA ARG A 36 10.17 4.08 -2.11
C ARG A 36 11.26 3.38 -2.93
N ARG A 37 11.49 3.89 -4.14
CA ARG A 37 12.55 3.43 -5.06
C ARG A 37 12.26 2.09 -5.74
N ASP A 38 11.45 2.15 -6.80
CA ASP A 38 11.27 1.02 -7.73
C ASP A 38 10.39 1.43 -8.90
N GLY A 39 9.12 1.66 -8.64
CA GLY A 39 8.17 2.00 -9.68
C GLY A 39 7.13 3.00 -9.23
N THR A 40 6.30 3.46 -10.17
CA THR A 40 5.25 4.49 -9.94
C THR A 40 5.80 5.77 -9.33
N GLY A 41 7.10 5.93 -9.35
CA GLY A 41 7.72 7.07 -8.71
C GLY A 41 8.23 6.72 -7.33
N HIS A 42 7.61 5.72 -6.73
CA HIS A 42 8.03 5.22 -5.43
C HIS A 42 8.58 3.82 -5.57
N TYR A 43 8.02 2.88 -4.85
CA TYR A 43 8.59 1.51 -4.80
C TYR A 43 7.62 0.51 -5.49
N LEU A 44 7.58 -0.75 -5.05
CA LEU A 44 6.61 -1.70 -5.61
C LEU A 44 6.11 -2.73 -4.59
N CYS A 45 4.97 -2.43 -3.99
CA CYS A 45 4.11 -3.47 -3.44
C CYS A 45 3.54 -4.23 -4.61
N ASN A 46 3.33 -5.51 -4.47
CA ASN A 46 2.43 -6.16 -5.38
C ASN A 46 1.07 -5.65 -5.06
N ALA A 47 0.85 -5.40 -3.80
CA ALA A 47 -0.43 -4.93 -3.32
C ALA A 47 -0.90 -3.69 -4.03
N CYS A 48 -0.13 -2.63 -3.89
CA CYS A 48 -0.36 -1.42 -4.65
C CYS A 48 -0.32 -1.72 -6.11
N GLY A 49 0.66 -2.53 -6.44
CA GLY A 49 0.85 -2.95 -7.79
C GLY A 49 -0.41 -3.62 -8.35
N LEU A 50 -1.11 -4.26 -7.44
CA LEU A 50 -2.36 -4.98 -7.64
C LEU A 50 -3.45 -3.96 -7.59
N TYR A 51 -3.25 -3.04 -6.69
CA TYR A 51 -4.10 -1.91 -6.57
C TYR A 51 -3.96 -1.02 -7.78
N HIS A 52 -2.99 -1.36 -8.59
CA HIS A 52 -2.75 -0.73 -9.87
C HIS A 52 -3.35 -1.55 -10.98
N LYS A 53 -3.30 -2.82 -10.74
CA LYS A 53 -3.78 -3.84 -11.65
C LYS A 53 -5.22 -3.63 -12.05
N MET A 54 -6.08 -3.85 -11.11
CA MET A 54 -7.51 -3.84 -11.34
C MET A 54 -8.16 -2.70 -10.59
N ASN A 55 -7.40 -2.06 -9.73
CA ASN A 55 -7.94 -0.97 -8.96
C ASN A 55 -7.40 0.34 -9.50
N GLY A 56 -6.25 0.23 -10.16
CA GLY A 56 -5.64 1.34 -10.87
C GLY A 56 -5.35 2.57 -10.03
N GLN A 57 -5.04 2.41 -8.76
CA GLN A 57 -4.70 3.57 -7.90
C GLN A 57 -3.32 4.11 -8.24
N ASN A 58 -2.35 3.23 -8.11
CA ASN A 58 -0.96 3.51 -8.32
C ASN A 58 -0.58 3.09 -9.74
N ARG A 59 0.60 3.48 -10.21
CA ARG A 59 0.97 3.18 -11.59
C ARG A 59 2.39 2.62 -11.75
N PRO A 60 2.77 1.55 -11.00
CA PRO A 60 4.03 0.89 -11.17
C PRO A 60 3.88 -0.40 -12.01
N LEU A 61 4.25 -1.59 -11.47
CA LEU A 61 4.23 -2.80 -12.30
C LEU A 61 4.24 -4.09 -11.46
N ILE A 62 3.64 -4.01 -10.26
CA ILE A 62 3.47 -5.14 -9.33
C ILE A 62 4.78 -5.86 -8.95
N LYS A 63 4.88 -6.24 -7.67
CA LYS A 63 6.02 -7.00 -7.18
C LYS A 63 5.75 -7.55 -5.77
ZN ZN B . 1.52 -0.15 -1.20
N MET A 1 -7.65 6.79 14.50
CA MET A 1 -9.11 6.95 14.30
C MET A 1 -9.52 6.41 12.94
N ALA A 2 -9.38 5.11 12.76
CA ALA A 2 -9.67 4.46 11.49
C ALA A 2 -11.16 4.51 11.17
N HIS A 3 -11.98 4.18 12.16
CA HIS A 3 -13.42 4.11 11.96
C HIS A 3 -14.07 5.48 12.06
N HIS A 4 -13.63 6.42 11.24
CA HIS A 4 -14.33 7.68 11.08
C HIS A 4 -15.37 7.52 9.98
N HIS A 5 -15.22 6.44 9.23
CA HIS A 5 -16.21 5.97 8.28
C HIS A 5 -16.13 4.44 8.26
N HIS A 6 -17.21 3.79 7.88
CA HIS A 6 -17.32 2.33 7.99
C HIS A 6 -16.18 1.61 7.28
N HIS A 7 -16.15 1.71 5.95
CA HIS A 7 -15.15 1.06 5.12
C HIS A 7 -15.30 -0.46 5.15
N HIS A 8 -14.76 -1.12 4.13
CA HIS A 8 -14.78 -2.58 4.06
C HIS A 8 -13.65 -3.16 4.88
N SER A 9 -14.01 -4.02 5.83
CA SER A 9 -13.05 -4.65 6.75
C SER A 9 -12.46 -3.61 7.71
N SER A 10 -11.64 -2.72 7.15
CA SER A 10 -10.95 -1.69 7.91
C SER A 10 -10.30 -2.23 9.17
N GLY A 11 -9.20 -2.94 8.97
CA GLY A 11 -8.28 -3.13 10.05
C GLY A 11 -7.63 -1.80 10.28
N LEU A 12 -6.85 -1.38 9.28
CA LEU A 12 -6.27 -0.05 9.25
C LEU A 12 -6.08 0.47 7.83
N GLU A 13 -5.33 -0.31 7.07
CA GLU A 13 -4.66 0.18 5.85
C GLU A 13 -5.05 -0.63 4.62
N VAL A 14 -4.27 -1.67 4.36
CA VAL A 14 -4.58 -2.68 3.36
C VAL A 14 -5.41 -3.73 4.06
N LEU A 15 -5.87 -3.29 5.23
CA LEU A 15 -6.50 -4.08 6.22
C LEU A 15 -5.85 -5.44 6.31
N PHE A 16 -4.52 -5.44 6.42
CA PHE A 16 -3.75 -6.67 6.33
C PHE A 16 -2.46 -6.61 7.16
N GLN A 17 -1.53 -5.72 6.78
CA GLN A 17 -0.18 -5.78 7.33
C GLN A 17 0.37 -4.43 7.81
N GLY A 18 -0.47 -3.58 8.34
CA GLY A 18 -0.02 -2.28 8.75
C GLY A 18 -0.97 -1.55 9.65
N PRO A 19 -0.41 -0.69 10.49
CA PRO A 19 -1.10 0.31 11.28
C PRO A 19 -1.14 1.66 10.59
N GLU A 20 -1.00 1.63 9.26
CA GLU A 20 -0.83 2.82 8.43
C GLU A 20 0.36 3.61 8.88
N GLY A 21 1.21 2.94 9.59
CA GLY A 21 2.30 3.58 10.23
C GLY A 21 3.60 3.23 9.60
N ARG A 22 3.97 4.10 8.66
CA ARG A 22 5.13 3.92 7.81
C ARG A 22 4.66 3.13 6.63
N GLU A 23 3.41 3.39 6.30
CA GLU A 23 2.76 2.70 5.23
C GLU A 23 3.32 3.16 3.88
N CYS A 24 3.05 2.42 2.81
CA CYS A 24 3.80 2.63 1.57
C CYS A 24 3.33 3.92 0.90
N VAL A 25 3.68 4.09 -0.34
CA VAL A 25 3.22 5.22 -1.09
C VAL A 25 1.68 5.32 -1.07
N ASN A 26 1.02 4.18 -1.21
CA ASN A 26 -0.42 4.15 -1.29
C ASN A 26 -1.11 3.38 -0.19
N CYS A 27 -0.47 2.36 0.33
CA CYS A 27 -1.26 1.33 0.97
C CYS A 27 -0.82 0.96 2.38
N GLY A 28 0.43 0.58 2.61
CA GLY A 28 0.72 -0.05 3.87
C GLY A 28 2.20 -0.22 4.21
N ALA A 29 3.01 -0.51 3.21
CA ALA A 29 4.49 -0.73 3.35
C ALA A 29 4.97 -1.20 4.72
N THR A 30 5.62 -0.27 5.40
CA THR A 30 6.40 -0.50 6.60
C THR A 30 7.49 -1.59 6.39
N ALA A 31 7.81 -1.91 5.11
CA ALA A 31 8.75 -3.02 4.83
C ALA A 31 9.24 -3.02 3.37
N THR A 32 9.61 -1.85 2.88
CA THR A 32 10.06 -1.62 1.49
C THR A 32 9.21 -2.19 0.34
N PRO A 33 7.88 -2.08 0.42
CA PRO A 33 6.93 -2.41 -0.63
C PRO A 33 6.17 -1.18 -1.13
N LEU A 34 6.50 -0.67 -2.32
CA LEU A 34 5.75 0.44 -2.94
C LEU A 34 5.86 1.66 -2.02
N TRP A 35 6.85 1.55 -1.17
CA TRP A 35 7.17 2.51 -0.15
C TRP A 35 7.86 3.72 -0.76
N ARG A 36 9.11 3.51 -1.15
CA ARG A 36 9.90 4.58 -1.73
C ARG A 36 10.84 4.08 -2.84
N ARG A 37 10.65 4.64 -4.03
CA ARG A 37 11.54 4.46 -5.19
C ARG A 37 11.58 3.02 -5.75
N ASP A 38 10.97 2.85 -6.94
CA ASP A 38 11.14 1.63 -7.75
C ASP A 38 10.49 1.80 -9.11
N GLY A 39 9.16 1.74 -9.14
CA GLY A 39 8.45 1.69 -10.41
C GLY A 39 7.57 2.89 -10.69
N THR A 40 6.57 3.11 -9.83
CA THR A 40 5.53 4.13 -10.08
C THR A 40 6.02 5.52 -9.71
N GLY A 41 7.31 5.74 -9.86
CA GLY A 41 7.92 6.92 -9.30
C GLY A 41 8.25 6.66 -7.85
N HIS A 42 7.44 5.81 -7.24
CA HIS A 42 7.72 5.30 -5.92
C HIS A 42 8.02 3.82 -6.04
N TYR A 43 7.86 3.07 -4.98
CA TYR A 43 8.47 1.72 -4.90
C TYR A 43 7.56 0.68 -5.58
N LEU A 44 7.69 -0.59 -5.18
CA LEU A 44 6.79 -1.63 -5.63
C LEU A 44 6.43 -2.54 -4.49
N CYS A 45 5.16 -2.58 -4.22
CA CYS A 45 4.56 -3.57 -3.38
C CYS A 45 3.61 -4.26 -4.30
N ASN A 46 3.45 -5.55 -4.20
CA ASN A 46 2.52 -6.21 -5.07
C ASN A 46 1.16 -5.62 -4.83
N ALA A 47 0.83 -5.40 -3.59
CA ALA A 47 -0.46 -4.89 -3.19
C ALA A 47 -0.94 -3.73 -4.05
N CYS A 48 -0.22 -2.63 -3.96
CA CYS A 48 -0.53 -1.45 -4.75
C CYS A 48 -0.27 -1.72 -6.18
N GLY A 49 0.81 -2.40 -6.38
CA GLY A 49 1.15 -2.93 -7.67
C GLY A 49 -0.05 -3.63 -8.34
N LEU A 50 -0.85 -4.24 -7.50
CA LEU A 50 -2.02 -5.03 -7.85
C LEU A 50 -3.23 -4.12 -7.77
N TYR A 51 -3.15 -3.19 -6.85
CA TYR A 51 -4.13 -2.13 -6.80
C TYR A 51 -4.00 -1.24 -8.01
N HIS A 52 -2.90 -1.34 -8.70
CA HIS A 52 -2.66 -0.61 -9.92
C HIS A 52 -3.44 -1.21 -11.06
N LYS A 53 -3.38 -2.48 -11.04
CA LYS A 53 -4.00 -3.36 -12.01
C LYS A 53 -5.46 -3.06 -12.29
N MET A 54 -6.28 -3.40 -11.32
CA MET A 54 -7.73 -3.33 -11.47
C MET A 54 -8.25 -2.09 -10.78
N ASN A 55 -7.56 -1.69 -9.73
CA ASN A 55 -7.99 -0.59 -8.92
C ASN A 55 -7.40 0.72 -9.42
N GLY A 56 -6.29 0.61 -10.12
CA GLY A 56 -5.56 1.78 -10.61
C GLY A 56 -5.14 2.72 -9.49
N GLN A 57 -4.90 2.15 -8.32
CA GLN A 57 -4.56 2.89 -7.11
C GLN A 57 -3.15 3.47 -7.21
N ASN A 58 -2.35 2.84 -8.03
CA ASN A 58 -0.97 3.18 -8.20
C ASN A 58 -0.58 2.86 -9.63
N ARG A 59 0.62 3.19 -10.08
CA ARG A 59 0.98 2.93 -11.48
C ARG A 59 2.42 2.38 -11.63
N PRO A 60 2.78 1.30 -10.91
CA PRO A 60 4.02 0.59 -11.10
C PRO A 60 3.77 -0.78 -11.79
N LEU A 61 4.39 -1.86 -11.31
CA LEU A 61 4.42 -3.11 -12.08
C LEU A 61 4.33 -4.37 -11.21
N ILE A 62 3.72 -4.22 -10.01
CA ILE A 62 3.54 -5.30 -9.04
C ILE A 62 4.84 -6.03 -8.66
N LYS A 63 5.09 -6.15 -7.35
CA LYS A 63 6.28 -6.80 -6.83
C LYS A 63 6.24 -6.86 -5.31
ZN ZN B . 1.45 -0.40 -1.38
N MET A 1 -8.38 0.45 4.01
CA MET A 1 -9.65 0.60 3.28
C MET A 1 -10.75 -0.20 3.96
N ALA A 2 -10.86 -0.04 5.28
CA ALA A 2 -11.88 -0.74 6.04
C ALA A 2 -12.70 0.23 6.86
N HIS A 3 -12.15 0.64 8.02
CA HIS A 3 -12.82 1.56 8.93
C HIS A 3 -14.25 1.10 9.23
N HIS A 4 -14.42 -0.19 9.48
CA HIS A 4 -15.74 -0.73 9.75
C HIS A 4 -15.87 -1.09 11.22
N HIS A 5 -15.32 -2.22 11.61
CA HIS A 5 -15.32 -2.64 13.01
C HIS A 5 -13.93 -3.14 13.40
N HIS A 6 -13.78 -3.50 14.67
CA HIS A 6 -12.52 -4.05 15.18
C HIS A 6 -11.36 -3.07 14.98
N HIS A 7 -11.41 -1.97 15.72
CA HIS A 7 -10.37 -0.96 15.65
C HIS A 7 -9.17 -1.39 16.49
N HIS A 8 -9.39 -2.33 17.40
CA HIS A 8 -8.34 -2.83 18.28
C HIS A 8 -7.43 -3.79 17.52
N SER A 9 -6.63 -3.21 16.65
CA SER A 9 -5.74 -3.93 15.76
C SER A 9 -5.00 -2.92 14.90
N SER A 10 -5.74 -1.89 14.48
CA SER A 10 -5.20 -0.76 13.76
C SER A 10 -4.24 -1.17 12.64
N GLY A 11 -4.73 -2.00 11.74
CA GLY A 11 -4.03 -2.22 10.52
C GLY A 11 -4.98 -2.02 9.40
N LEU A 12 -6.17 -1.53 9.79
CA LEU A 12 -7.38 -1.44 8.94
C LEU A 12 -7.13 -0.70 7.66
N GLU A 13 -6.09 0.08 7.67
CA GLU A 13 -5.54 0.68 6.46
C GLU A 13 -5.49 -0.38 5.38
N VAL A 14 -5.21 -1.60 5.82
CA VAL A 14 -5.35 -2.79 4.99
C VAL A 14 -5.72 -3.96 5.88
N LEU A 15 -6.28 -3.61 7.03
CA LEU A 15 -6.50 -4.48 8.15
C LEU A 15 -5.44 -5.58 8.27
N PHE A 16 -4.19 -5.15 8.02
CA PHE A 16 -3.06 -6.05 7.94
C PHE A 16 -1.75 -5.26 7.93
N GLN A 17 -1.44 -4.69 6.77
CA GLN A 17 -0.15 -4.07 6.55
C GLN A 17 -0.21 -2.54 6.69
N GLY A 18 0.13 -2.07 7.88
CA GLY A 18 0.39 -0.67 8.07
C GLY A 18 -0.52 -0.01 9.06
N PRO A 19 -0.04 1.11 9.61
CA PRO A 19 -0.81 2.07 10.36
C PRO A 19 -1.16 3.33 9.57
N GLU A 20 -1.11 3.17 8.25
CA GLU A 20 -1.36 4.25 7.28
C GLU A 20 -0.60 5.51 7.58
N GLY A 21 0.47 5.28 8.24
CA GLY A 21 1.39 6.33 8.58
C GLY A 21 2.84 5.93 8.50
N ARG A 22 3.03 4.70 8.11
CA ARG A 22 4.34 4.16 7.80
C ARG A 22 4.13 3.30 6.60
N GLU A 23 3.07 3.68 5.91
CA GLU A 23 2.53 2.94 4.80
C GLU A 23 3.46 3.11 3.60
N CYS A 24 3.15 2.50 2.49
CA CYS A 24 4.04 2.61 1.37
C CYS A 24 3.71 3.93 0.69
N VAL A 25 3.99 4.04 -0.58
CA VAL A 25 3.52 5.16 -1.36
C VAL A 25 2.01 5.39 -1.18
N ASN A 26 1.20 4.31 -1.25
CA ASN A 26 -0.25 4.46 -1.26
C ASN A 26 -0.96 3.73 -0.12
N CYS A 27 -0.39 2.64 0.35
CA CYS A 27 -1.24 1.62 0.92
C CYS A 27 -0.86 1.15 2.33
N GLY A 28 0.37 0.68 2.53
CA GLY A 28 0.70 0.15 3.84
C GLY A 28 1.99 -0.64 3.87
N ALA A 29 3.03 -0.02 3.34
CA ALA A 29 4.38 -0.58 3.35
C ALA A 29 4.82 -1.11 4.70
N THR A 30 5.42 -0.21 5.48
CA THR A 30 6.11 -0.56 6.71
C THR A 30 7.13 -1.72 6.54
N ALA A 31 7.56 -2.00 5.29
CA ALA A 31 8.45 -3.16 5.05
C ALA A 31 9.12 -3.14 3.66
N THR A 32 9.59 -1.96 3.24
CA THR A 32 10.22 -1.76 1.91
C THR A 32 9.52 -2.46 0.72
N PRO A 33 8.20 -2.28 0.57
CA PRO A 33 7.43 -2.81 -0.55
C PRO A 33 7.15 -1.77 -1.68
N LEU A 34 6.18 -0.85 -1.49
CA LEU A 34 5.79 0.17 -2.52
C LEU A 34 6.20 1.51 -1.92
N TRP A 35 6.85 1.35 -0.79
CA TRP A 35 7.40 2.44 0.02
C TRP A 35 8.10 3.48 -0.82
N ARG A 36 9.32 3.13 -1.20
CA ARG A 36 10.18 4.06 -1.92
C ARG A 36 11.28 3.37 -2.74
N ARG A 37 11.40 3.78 -4.02
CA ARG A 37 12.48 3.35 -4.95
C ARG A 37 12.19 2.02 -5.68
N ASP A 38 11.40 2.11 -6.75
CA ASP A 38 11.20 1.03 -7.71
C ASP A 38 10.30 1.47 -8.87
N GLY A 39 9.00 1.57 -8.61
CA GLY A 39 8.03 1.94 -9.64
C GLY A 39 7.17 3.11 -9.21
N THR A 40 6.28 3.58 -10.11
CA THR A 40 5.34 4.70 -9.86
C THR A 40 6.00 5.97 -9.30
N GLY A 41 7.32 6.03 -9.33
CA GLY A 41 7.99 7.13 -8.70
C GLY A 41 8.34 6.82 -7.26
N HIS A 42 7.67 5.81 -6.71
CA HIS A 42 8.03 5.29 -5.41
C HIS A 42 8.61 3.90 -5.57
N TYR A 43 8.02 2.90 -4.93
CA TYR A 43 8.59 1.54 -4.92
C TYR A 43 7.65 0.55 -5.65
N LEU A 44 7.60 -0.72 -5.22
CA LEU A 44 6.67 -1.69 -5.81
C LEU A 44 6.25 -2.78 -4.84
N CYS A 45 5.29 -2.48 -4.00
CA CYS A 45 4.59 -3.49 -3.24
C CYS A 45 3.60 -4.10 -4.23
N ASN A 46 3.44 -5.40 -4.23
CA ASN A 46 2.49 -6.00 -5.16
C ASN A 46 1.11 -5.52 -4.85
N ALA A 47 0.86 -5.23 -3.62
CA ALA A 47 -0.46 -4.82 -3.17
C ALA A 47 -1.00 -3.65 -3.94
N CYS A 48 -0.20 -2.60 -3.99
CA CYS A 48 -0.52 -1.42 -4.74
C CYS A 48 -0.33 -1.66 -6.18
N GLY A 49 0.62 -2.53 -6.42
CA GLY A 49 0.84 -2.99 -7.73
C GLY A 49 -0.40 -3.72 -8.25
N LEU A 50 -1.09 -4.33 -7.30
CA LEU A 50 -2.34 -5.04 -7.49
C LEU A 50 -3.42 -4.01 -7.54
N TYR A 51 -3.28 -3.06 -6.65
CA TYR A 51 -4.15 -1.92 -6.62
C TYR A 51 -3.93 -1.08 -7.85
N HIS A 52 -2.94 -1.46 -8.59
CA HIS A 52 -2.64 -0.88 -9.89
C HIS A 52 -3.25 -1.69 -11.01
N LYS A 53 -3.20 -2.97 -10.80
CA LYS A 53 -3.72 -3.95 -11.71
C LYS A 53 -5.15 -3.70 -12.14
N MET A 54 -6.03 -3.88 -11.19
CA MET A 54 -7.45 -3.79 -11.44
C MET A 54 -8.01 -2.51 -10.87
N ASN A 55 -7.29 -1.93 -9.92
CA ASN A 55 -7.76 -0.75 -9.25
C ASN A 55 -7.10 0.48 -9.82
N GLY A 56 -5.96 0.24 -10.47
CA GLY A 56 -5.23 1.27 -11.19
C GLY A 56 -4.93 2.52 -10.38
N GLN A 57 -4.78 2.39 -9.06
CA GLN A 57 -4.52 3.58 -8.23
C GLN A 57 -3.11 4.14 -8.44
N ASN A 58 -2.15 3.32 -8.11
CA ASN A 58 -0.77 3.72 -8.00
C ASN A 58 -0.07 3.79 -9.35
N ARG A 59 -0.43 2.85 -10.24
CA ARG A 59 -0.01 2.85 -11.65
C ARG A 59 1.50 2.55 -11.89
N PRO A 60 2.18 1.68 -11.10
CA PRO A 60 3.55 1.29 -11.41
C PRO A 60 3.63 -0.04 -12.17
N LEU A 61 3.66 -1.12 -11.41
CA LEU A 61 3.72 -2.48 -11.90
C LEU A 61 3.36 -3.32 -10.68
N ILE A 62 3.74 -4.57 -10.63
CA ILE A 62 3.41 -5.39 -9.49
C ILE A 62 4.66 -6.15 -9.01
N LYS A 63 4.77 -6.36 -7.70
CA LYS A 63 5.90 -7.12 -7.16
C LYS A 63 5.56 -7.75 -5.81
ZN ZN B . 1.35 -0.38 -1.32
N MET A 1 -6.35 8.72 8.18
CA MET A 1 -7.11 8.85 9.45
C MET A 1 -7.52 7.48 9.97
N ALA A 2 -8.02 6.61 9.09
CA ALA A 2 -8.45 5.27 9.49
C ALA A 2 -9.47 5.34 10.61
N HIS A 3 -10.51 6.14 10.38
CA HIS A 3 -11.60 6.36 11.34
C HIS A 3 -11.09 7.12 12.56
N HIS A 4 -10.38 6.41 13.42
CA HIS A 4 -9.84 7.00 14.65
C HIS A 4 -8.84 6.04 15.29
N HIS A 5 -7.86 5.61 14.50
CA HIS A 5 -6.81 4.73 15.01
C HIS A 5 -5.49 5.02 14.33
N HIS A 6 -4.54 5.54 15.10
CA HIS A 6 -3.23 5.85 14.60
C HIS A 6 -2.16 5.26 15.51
N HIS A 7 -0.91 5.29 15.04
CA HIS A 7 0.22 4.75 15.79
C HIS A 7 0.08 3.24 15.98
N HIS A 8 0.63 2.49 15.04
CA HIS A 8 0.55 1.03 15.02
C HIS A 8 -0.91 0.55 15.08
N SER A 9 -1.71 1.05 14.15
CA SER A 9 -3.12 0.70 14.06
C SER A 9 -3.29 -0.75 13.60
N SER A 10 -2.88 -1.02 12.36
CA SER A 10 -3.00 -2.34 11.75
C SER A 10 -4.42 -2.90 11.89
N GLY A 11 -5.40 -2.10 11.52
CA GLY A 11 -6.78 -2.57 11.53
C GLY A 11 -7.64 -1.89 10.50
N LEU A 12 -6.99 -1.20 9.57
CA LEU A 12 -7.69 -0.44 8.54
C LEU A 12 -6.95 -0.46 7.22
N GLU A 13 -5.78 0.19 7.22
CA GLU A 13 -4.94 0.35 6.04
C GLU A 13 -4.93 -0.91 5.20
N VAL A 14 -4.50 -1.97 5.83
CA VAL A 14 -4.53 -3.29 5.24
C VAL A 14 -4.78 -4.26 6.36
N LEU A 15 -5.23 -3.67 7.46
CA LEU A 15 -5.41 -4.32 8.71
C LEU A 15 -4.43 -5.46 8.95
N PHE A 16 -3.17 -5.18 8.61
CA PHE A 16 -2.14 -6.20 8.62
C PHE A 16 -0.83 -5.67 9.21
N GLN A 17 -0.21 -4.66 8.58
CA GLN A 17 1.14 -4.30 8.96
C GLN A 17 1.40 -2.80 9.03
N GLY A 18 0.37 -2.02 9.02
CA GLY A 18 0.58 -0.58 8.97
C GLY A 18 -0.33 0.23 9.87
N PRO A 19 0.06 1.47 10.15
CA PRO A 19 -0.69 2.40 10.95
C PRO A 19 -1.42 3.39 10.08
N GLU A 20 -1.49 3.04 8.80
CA GLU A 20 -2.04 3.85 7.70
C GLU A 20 -1.36 5.20 7.61
N GLY A 21 -0.34 5.30 8.38
CA GLY A 21 0.45 6.52 8.45
C GLY A 21 1.93 6.26 8.37
N ARG A 22 2.27 5.04 8.03
CA ARG A 22 3.63 4.65 7.72
C ARG A 22 3.51 3.65 6.62
N GLU A 23 2.36 3.74 5.96
CA GLU A 23 1.91 2.81 4.97
C GLU A 23 2.70 3.08 3.70
N CYS A 24 2.42 2.40 2.60
CA CYS A 24 3.26 2.59 1.44
C CYS A 24 2.93 3.94 0.81
N VAL A 25 3.28 4.07 -0.44
CA VAL A 25 2.87 5.19 -1.23
C VAL A 25 1.34 5.30 -1.22
N ASN A 26 0.67 4.14 -1.23
CA ASN A 26 -0.77 4.11 -1.21
C ASN A 26 -1.33 3.29 -0.05
N CYS A 27 -0.67 2.19 0.24
CA CYS A 27 -1.40 1.06 0.76
C CYS A 27 -0.99 0.62 2.16
N GLY A 28 0.22 0.13 2.36
CA GLY A 28 0.55 -0.36 3.68
C GLY A 28 1.94 -0.93 3.79
N ALA A 29 2.88 -0.06 3.55
CA ALA A 29 4.30 -0.38 3.62
C ALA A 29 4.80 -0.67 5.02
N THR A 30 5.34 0.36 5.65
CA THR A 30 6.15 0.22 6.87
C THR A 30 7.35 -0.73 6.68
N ALA A 31 7.69 -1.02 5.41
CA ALA A 31 8.81 -1.90 5.10
C ALA A 31 9.53 -1.40 3.84
N THR A 32 9.41 -2.14 2.72
CA THR A 32 9.90 -1.65 1.43
C THR A 32 9.00 -2.03 0.22
N PRO A 33 7.68 -1.86 0.33
CA PRO A 33 6.71 -2.07 -0.72
C PRO A 33 6.03 -0.80 -1.24
N LEU A 34 6.15 -0.50 -2.55
CA LEU A 34 5.46 0.65 -3.22
C LEU A 34 5.30 1.80 -2.22
N TRP A 35 6.42 2.37 -1.91
CA TRP A 35 6.70 3.06 -0.67
C TRP A 35 7.73 4.13 -0.95
N ARG A 36 8.92 3.65 -1.32
CA ARG A 36 10.05 4.52 -1.49
C ARG A 36 10.96 4.08 -2.67
N ARG A 37 10.69 4.63 -3.85
CA ARG A 37 11.53 4.47 -5.06
C ARG A 37 11.64 3.03 -5.58
N ASP A 38 11.17 2.82 -6.82
CA ASP A 38 11.38 1.56 -7.53
C ASP A 38 10.79 1.63 -8.95
N GLY A 39 9.48 1.50 -9.04
CA GLY A 39 8.82 1.42 -10.34
C GLY A 39 8.20 2.73 -10.78
N THR A 40 7.13 3.11 -10.09
CA THR A 40 6.36 4.31 -10.43
C THR A 40 7.03 5.59 -9.94
N GLY A 41 8.34 5.55 -9.82
CA GLY A 41 9.04 6.62 -9.14
C GLY A 41 9.03 6.35 -7.66
N HIS A 42 7.90 5.81 -7.18
CA HIS A 42 7.85 5.23 -5.87
C HIS A 42 8.12 3.75 -6.01
N TYR A 43 7.75 2.96 -5.05
CA TYR A 43 8.32 1.61 -4.94
C TYR A 43 7.45 0.60 -5.75
N LEU A 44 7.33 -0.66 -5.34
CA LEU A 44 6.49 -1.57 -6.13
C LEU A 44 5.36 -2.24 -5.34
N CYS A 45 5.64 -3.10 -4.34
CA CYS A 45 4.58 -3.71 -3.51
C CYS A 45 3.48 -4.29 -4.35
N ASN A 46 3.52 -5.59 -4.63
CA ASN A 46 2.47 -6.21 -5.44
C ASN A 46 1.12 -5.76 -4.99
N ALA A 47 0.94 -5.54 -3.71
CA ALA A 47 -0.32 -5.08 -3.19
C ALA A 47 -0.75 -3.77 -3.80
N CYS A 48 0.09 -2.77 -3.64
CA CYS A 48 -0.14 -1.50 -4.26
C CYS A 48 -0.14 -1.68 -5.76
N GLY A 49 0.85 -2.42 -6.21
CA GLY A 49 0.98 -2.79 -7.58
C GLY A 49 -0.27 -3.48 -8.12
N LEU A 50 -0.98 -4.10 -7.19
CA LEU A 50 -2.23 -4.82 -7.42
C LEU A 50 -3.33 -3.82 -7.37
N TYR A 51 -3.19 -2.93 -6.44
CA TYR A 51 -4.10 -1.85 -6.31
C TYR A 51 -3.99 -0.97 -7.54
N HIS A 52 -2.87 -1.13 -8.22
CA HIS A 52 -2.62 -0.49 -9.50
C HIS A 52 -3.27 -1.27 -10.64
N LYS A 53 -3.18 -2.55 -10.49
CA LYS A 53 -3.68 -3.51 -11.45
C LYS A 53 -5.12 -3.28 -11.82
N MET A 54 -5.97 -3.67 -10.91
CA MET A 54 -7.40 -3.75 -11.14
C MET A 54 -8.08 -2.54 -10.56
N ASN A 55 -7.43 -1.91 -9.60
CA ASN A 55 -8.06 -0.84 -8.88
C ASN A 55 -7.49 0.49 -9.35
N GLY A 56 -6.29 0.39 -9.91
CA GLY A 56 -5.63 1.50 -10.55
C GLY A 56 -5.43 2.73 -9.66
N GLN A 57 -5.04 2.54 -8.40
CA GLN A 57 -4.74 3.70 -7.55
C GLN A 57 -3.43 4.35 -7.98
N ASN A 58 -2.46 3.50 -8.12
CA ASN A 58 -1.11 3.84 -8.46
C ASN A 58 -0.75 3.18 -9.78
N ARG A 59 0.42 3.47 -10.35
CA ARG A 59 0.75 2.87 -11.64
C ARG A 59 2.26 2.69 -11.87
N PRO A 60 2.88 1.71 -11.19
CA PRO A 60 4.21 1.24 -11.51
C PRO A 60 4.20 -0.10 -12.27
N LEU A 61 4.12 -1.17 -11.49
CA LEU A 61 4.11 -2.53 -11.96
C LEU A 61 3.59 -3.34 -10.77
N ILE A 62 3.91 -4.61 -10.69
CA ILE A 62 3.51 -5.42 -9.57
C ILE A 62 4.69 -6.29 -9.13
N LYS A 63 4.84 -6.49 -7.82
CA LYS A 63 5.93 -7.30 -7.32
C LYS A 63 5.64 -7.82 -5.91
ZN ZN B . 1.52 -1.28 -0.70
N MET A 1 -12.59 -4.95 10.75
CA MET A 1 -11.79 -5.42 11.89
C MET A 1 -10.35 -4.97 11.73
N ALA A 2 -9.74 -4.57 12.84
CA ALA A 2 -8.34 -4.17 12.85
C ALA A 2 -7.64 -4.70 14.09
N HIS A 3 -6.40 -5.12 13.91
CA HIS A 3 -5.65 -5.78 14.95
C HIS A 3 -4.82 -4.76 15.73
N HIS A 4 -5.41 -4.21 16.77
CA HIS A 4 -4.74 -3.18 17.57
C HIS A 4 -4.03 -3.77 18.77
N HIS A 5 -3.09 -4.66 18.51
CA HIS A 5 -2.26 -5.23 19.56
C HIS A 5 -0.80 -4.89 19.32
N HIS A 6 -0.16 -5.64 18.44
CA HIS A 6 1.21 -5.35 18.05
C HIS A 6 1.20 -4.38 16.87
N HIS A 7 0.11 -4.41 16.12
CA HIS A 7 -0.07 -3.53 14.99
C HIS A 7 -0.79 -2.26 15.43
N HIS A 8 -0.53 -1.17 14.72
CA HIS A 8 -1.14 0.11 15.03
C HIS A 8 -2.52 0.22 14.36
N SER A 9 -2.73 -0.60 13.35
CA SER A 9 -4.03 -0.69 12.70
C SER A 9 -4.23 -2.09 12.14
N SER A 10 -3.65 -2.32 10.96
CA SER A 10 -3.78 -3.60 10.26
C SER A 10 -5.23 -4.07 10.24
N GLY A 11 -6.01 -3.40 9.45
CA GLY A 11 -7.40 -3.74 9.29
C GLY A 11 -8.14 -2.58 8.72
N LEU A 12 -7.49 -1.92 7.78
CA LEU A 12 -7.96 -0.66 7.26
C LEU A 12 -7.46 -0.41 5.85
N GLU A 13 -6.21 0.01 5.81
CA GLU A 13 -5.50 0.40 4.59
C GLU A 13 -5.79 -0.58 3.45
N VAL A 14 -5.30 -1.78 3.64
CA VAL A 14 -5.53 -2.86 2.71
C VAL A 14 -6.01 -4.05 3.53
N LEU A 15 -6.38 -3.73 4.76
CA LEU A 15 -6.73 -4.70 5.78
C LEU A 15 -5.59 -5.70 5.98
N PHE A 16 -4.35 -5.25 5.75
CA PHE A 16 -3.20 -6.12 5.82
C PHE A 16 -2.20 -5.67 6.90
N GLN A 17 -1.34 -4.71 6.57
CA GLN A 17 -0.18 -4.44 7.43
C GLN A 17 0.12 -2.97 7.64
N GLY A 18 -0.85 -2.13 7.43
CA GLY A 18 -0.60 -0.71 7.52
C GLY A 18 -1.46 0.01 8.53
N PRO A 19 -0.84 0.98 9.20
CA PRO A 19 -1.47 1.97 10.04
C PRO A 19 -1.86 3.22 9.28
N GLU A 20 -1.82 3.08 7.96
CA GLU A 20 -2.06 4.16 7.01
C GLU A 20 -1.24 5.38 7.30
N GLY A 21 -0.17 5.16 8.02
CA GLY A 21 0.72 6.25 8.37
C GLY A 21 2.19 5.90 8.32
N ARG A 22 2.46 4.67 7.99
CA ARG A 22 3.79 4.20 7.71
C ARG A 22 3.66 3.33 6.50
N GLU A 23 2.55 3.57 5.83
CA GLU A 23 2.11 2.79 4.71
C GLU A 23 3.00 3.13 3.53
N CYS A 24 2.85 2.44 2.41
CA CYS A 24 3.80 2.61 1.34
C CYS A 24 3.45 3.90 0.60
N VAL A 25 3.87 4.02 -0.64
CA VAL A 25 3.44 5.12 -1.48
C VAL A 25 1.93 5.35 -1.35
N ASN A 26 1.15 4.26 -1.36
CA ASN A 26 -0.29 4.40 -1.32
C ASN A 26 -0.95 3.63 -0.20
N CYS A 27 -0.36 2.53 0.22
CA CYS A 27 -1.18 1.48 0.76
C CYS A 27 -0.79 1.02 2.16
N GLY A 28 0.37 0.40 2.32
CA GLY A 28 0.69 -0.20 3.58
C GLY A 28 2.03 -0.87 3.60
N ALA A 29 3.04 -0.13 3.21
CA ALA A 29 4.42 -0.59 3.31
C ALA A 29 4.79 -1.04 4.71
N THR A 30 5.17 -0.06 5.52
CA THR A 30 5.72 -0.31 6.84
C THR A 30 6.89 -1.33 6.80
N ALA A 31 7.52 -1.48 5.62
CA ALA A 31 8.64 -2.39 5.43
C ALA A 31 9.48 -1.96 4.23
N THR A 32 9.37 -2.67 3.10
CA THR A 32 9.94 -2.20 1.83
C THR A 32 9.11 -2.58 0.58
N PRO A 33 7.79 -2.40 0.62
CA PRO A 33 6.86 -2.61 -0.48
C PRO A 33 6.24 -1.33 -1.05
N LEU A 34 6.60 -0.90 -2.26
CA LEU A 34 5.94 0.24 -2.93
C LEU A 34 6.10 1.49 -2.06
N TRP A 35 7.09 1.39 -1.20
CA TRP A 35 7.44 2.38 -0.21
C TRP A 35 8.25 3.50 -0.83
N ARG A 36 9.50 3.16 -1.15
CA ARG A 36 10.45 4.12 -1.68
C ARG A 36 11.32 3.53 -2.80
N ARG A 37 11.38 4.26 -3.94
CA ARG A 37 12.27 3.98 -5.10
C ARG A 37 12.17 2.56 -5.70
N ASP A 38 11.49 2.50 -6.86
CA ASP A 38 11.42 1.32 -7.72
C ASP A 38 10.52 1.58 -8.94
N GLY A 39 9.25 1.84 -8.65
CA GLY A 39 8.26 2.06 -9.70
C GLY A 39 7.15 3.01 -9.22
N THR A 40 6.25 3.37 -10.13
CA THR A 40 5.15 4.33 -9.87
C THR A 40 5.63 5.69 -9.32
N GLY A 41 6.92 5.93 -9.38
CA GLY A 41 7.47 7.13 -8.76
C GLY A 41 7.96 6.82 -7.36
N HIS A 42 7.46 5.74 -6.79
CA HIS A 42 7.94 5.26 -5.51
C HIS A 42 8.54 3.89 -5.70
N TYR A 43 8.04 2.89 -5.00
CA TYR A 43 8.68 1.56 -4.97
C TYR A 43 7.78 0.52 -5.66
N LEU A 44 7.86 -0.74 -5.25
CA LEU A 44 6.92 -1.75 -5.70
C LEU A 44 6.54 -2.67 -4.57
N CYS A 45 5.26 -2.68 -4.31
CA CYS A 45 4.64 -3.67 -3.48
C CYS A 45 3.68 -4.34 -4.42
N ASN A 46 3.38 -5.58 -4.23
CA ASN A 46 2.43 -6.20 -5.11
C ASN A 46 1.09 -5.58 -4.89
N ALA A 47 0.83 -5.20 -3.66
CA ALA A 47 -0.47 -4.68 -3.24
C ALA A 47 -0.95 -3.53 -4.09
N CYS A 48 -0.17 -2.47 -4.11
CA CYS A 48 -0.44 -1.30 -4.92
C CYS A 48 -0.19 -1.64 -6.33
N GLY A 49 0.86 -2.39 -6.50
CA GLY A 49 1.13 -3.01 -7.75
C GLY A 49 -0.11 -3.72 -8.33
N LEU A 50 -0.96 -4.18 -7.41
CA LEU A 50 -2.19 -4.94 -7.67
C LEU A 50 -3.34 -3.96 -7.63
N TYR A 51 -3.21 -3.02 -6.74
CA TYR A 51 -4.16 -1.96 -6.64
C TYR A 51 -4.07 -1.09 -7.87
N HIS A 52 -2.99 -1.23 -8.60
CA HIS A 52 -2.77 -0.54 -9.85
C HIS A 52 -3.44 -1.28 -10.99
N LYS A 53 -3.39 -2.54 -10.84
CA LYS A 53 -3.87 -3.51 -11.81
C LYS A 53 -5.31 -3.30 -12.20
N MET A 54 -6.18 -3.61 -11.28
CA MET A 54 -7.60 -3.55 -11.52
C MET A 54 -8.21 -2.38 -10.78
N ASN A 55 -7.53 -1.95 -9.73
CA ASN A 55 -8.03 -0.87 -8.92
C ASN A 55 -7.52 0.48 -9.44
N GLY A 56 -6.41 0.41 -10.16
CA GLY A 56 -5.77 1.60 -10.73
C GLY A 56 -5.38 2.65 -9.68
N GLN A 57 -5.17 2.17 -8.45
CA GLN A 57 -4.82 2.99 -7.30
C GLN A 57 -3.49 3.70 -7.52
N ASN A 58 -2.60 2.98 -8.15
CA ASN A 58 -1.26 3.44 -8.41
C ASN A 58 -0.83 2.98 -9.80
N ARG A 59 0.42 3.20 -10.20
CA ARG A 59 0.82 2.87 -11.56
C ARG A 59 2.26 2.36 -11.70
N PRO A 60 2.69 1.35 -10.92
CA PRO A 60 3.95 0.67 -11.13
C PRO A 60 3.74 -0.67 -11.85
N LEU A 61 4.37 -1.76 -11.38
CA LEU A 61 4.40 -3.01 -12.15
C LEU A 61 4.31 -4.23 -11.23
N ILE A 62 3.78 -4.01 -10.03
CA ILE A 62 3.62 -5.02 -8.96
C ILE A 62 4.90 -5.81 -8.62
N LYS A 63 5.02 -6.14 -7.34
CA LYS A 63 6.07 -7.04 -6.86
C LYS A 63 5.89 -7.29 -5.37
ZN ZN B . 1.53 -0.41 -1.59
#